data_7OC5
#
_entry.id   7OC5
#
_cell.length_a   121.574
_cell.length_b   55.704
_cell.length_c   112.045
_cell.angle_alpha   90.000
_cell.angle_beta   96.580
_cell.angle_gamma   90.000
#
_symmetry.space_group_name_H-M   'C 1 2 1'
#
loop_
_entity.id
_entity.type
_entity.pdbx_description
1 polymer 'Alpha-humulene synthase AsR6'
2 non-polymer 'ZINC ION'
3 non-polymer 'MAGNESIUM ION'
4 water water
#
_entity_poly.entity_id   1
_entity_poly.type   'polypeptide(L)'
_entity_poly.pdbx_seq_one_letter_code
;GAMPVTTPTKMATLTTKQMWQTIKDYFGDGFVTGSAPISYNVHTCDMQLQPDSGIHAASDGIHYGVQISEDSMPLFSIMG
DTAAPPCTCHRVDEIVKHIDEFLERAPEALPDDGAITSGKPCDTNPDQVSLYAMRDSLSWWVHWGGNLRPEHYWKQIYIG
FAAIPDDVQISPREFLDGTYRYLGHTWDDCLSGLEEEGVSPDEIEFANMCMWRQMLTQWLEKADPELLPLLKGKISLMLQ
YRVLTANTLGCLALFMNATADPKDGPIHYADSSYEMEIASVAQCVTLDMAKEAMGILQGERTEVVAGDRAQRKRELRWIY
VRCMQILESQPHAHMLRRYGSAGLHYVPMMDRYLERVSGHTRFPIRDGAARILERFINRAELPKESEDINPNGRSLKVSA
KMNGNGQLHHEVNGNAKLHLEAERPDVTTAVG
;
_entity_poly.pdbx_strand_id   A,B
#
loop_
_chem_comp.id
_chem_comp.type
_chem_comp.name
_chem_comp.formula
MG non-polymer 'MAGNESIUM ION' 'Mg 2'
ZN non-polymer 'ZINC ION' 'Zn 2'
#
# COMPACT_ATOMS: atom_id res chain seq x y z
N THR A 7 15.55 45.74 -29.38
CA THR A 7 14.69 44.57 -29.41
C THR A 7 13.22 44.96 -29.45
N PRO A 8 12.62 44.90 -30.64
CA PRO A 8 11.17 45.21 -30.73
C PRO A 8 10.37 44.30 -29.82
N THR A 9 9.67 44.92 -28.86
CA THR A 9 8.90 44.17 -27.88
C THR A 9 7.67 43.58 -28.55
N LYS A 10 7.72 42.28 -28.83
CA LYS A 10 6.60 41.52 -29.37
C LYS A 10 6.07 40.59 -28.29
N MET A 11 4.77 40.68 -27.99
CA MET A 11 4.20 39.94 -26.87
C MET A 11 2.93 39.18 -27.26
N ALA A 12 2.74 38.87 -28.54
CA ALA A 12 1.60 38.05 -28.94
C ALA A 12 1.71 36.68 -28.27
N THR A 13 0.61 36.23 -27.67
CA THR A 13 0.62 34.93 -27.00
C THR A 13 1.02 33.84 -27.99
N LEU A 14 1.91 32.96 -27.55
CA LEU A 14 2.32 31.85 -28.40
C LEU A 14 1.10 31.08 -28.89
N THR A 15 1.13 30.70 -30.16
CA THR A 15 0.17 29.74 -30.66
C THR A 15 0.46 28.37 -30.03
N THR A 16 -0.54 27.49 -30.07
CA THR A 16 -0.31 26.13 -29.59
C THR A 16 0.83 25.46 -30.36
N LYS A 17 0.92 25.73 -31.66
CA LYS A 17 2.03 25.20 -32.45
C LYS A 17 3.38 25.70 -31.92
N GLN A 18 3.46 26.99 -31.59
CA GLN A 18 4.72 27.54 -31.07
C GLN A 18 5.06 26.97 -29.70
N MET A 19 4.05 26.71 -28.86
CA MET A 19 4.29 26.04 -27.58
C MET A 19 4.82 24.63 -27.80
N TRP A 20 4.18 23.88 -28.71
CA TRP A 20 4.69 22.56 -29.08
C TRP A 20 6.15 22.65 -29.49
N GLN A 21 6.50 23.63 -30.33
CA GLN A 21 7.88 23.77 -30.77
C GLN A 21 8.80 24.12 -29.61
N THR A 22 8.32 24.91 -28.66
CA THR A 22 9.15 25.28 -27.52
C THR A 22 9.57 24.06 -26.73
N ILE A 23 8.62 23.17 -26.44
CA ILE A 23 8.99 22.00 -25.63
C ILE A 23 9.80 21.01 -26.46
N LYS A 24 9.61 20.99 -27.79
CA LYS A 24 10.52 20.22 -28.63
C LYS A 24 11.95 20.68 -28.44
N ASP A 25 12.17 22.00 -28.52
CA ASP A 25 13.52 22.54 -28.41
C ASP A 25 14.11 22.28 -27.03
N TYR A 26 13.27 22.18 -26.00
CA TYR A 26 13.76 21.99 -24.64
C TYR A 26 14.05 20.51 -24.35
N PHE A 27 13.09 19.63 -24.63
CA PHE A 27 13.27 18.23 -24.28
C PHE A 27 14.16 17.50 -25.28
N GLY A 28 14.06 17.84 -26.55
CA GLY A 28 14.79 17.11 -27.58
C GLY A 28 14.24 15.70 -27.75
N ASP A 29 14.92 14.94 -28.61
CA ASP A 29 14.49 13.58 -28.90
C ASP A 29 14.75 12.67 -27.72
N GLY A 30 13.90 11.66 -27.56
CA GLY A 30 14.17 10.55 -26.68
C GLY A 30 15.08 9.55 -27.33
N PHE A 31 14.83 8.26 -27.13
CA PHE A 31 15.69 7.24 -27.71
C PHE A 31 15.37 6.97 -29.19
N VAL A 32 14.31 7.54 -29.73
CA VAL A 32 13.97 7.43 -31.15
C VAL A 32 14.11 8.81 -31.78
N THR A 33 14.73 8.86 -32.96
CA THR A 33 14.90 10.12 -33.66
C THR A 33 13.56 10.64 -34.16
N GLY A 34 13.38 11.96 -34.11
CA GLY A 34 12.11 12.55 -34.49
C GLY A 34 11.00 12.37 -33.48
N SER A 35 11.33 11.97 -32.26
CA SER A 35 10.33 11.72 -31.23
C SER A 35 10.06 12.91 -30.33
N ALA A 36 10.85 13.97 -30.42
CA ALA A 36 10.61 15.15 -29.59
C ALA A 36 9.20 15.68 -29.84
N PRO A 37 8.46 16.09 -28.79
CA PRO A 37 8.81 16.14 -27.36
C PRO A 37 8.15 15.05 -26.53
N ILE A 38 7.66 14.00 -27.18
CA ILE A 38 6.80 13.04 -26.48
C ILE A 38 7.53 11.73 -26.22
N SER A 39 8.84 11.79 -25.97
CA SER A 39 9.60 10.59 -25.71
C SER A 39 10.51 10.77 -24.50
N TYR A 40 10.54 9.75 -23.66
CA TYR A 40 11.51 9.64 -22.59
C TYR A 40 12.85 9.15 -23.14
N ASN A 41 13.90 9.31 -22.33
CA ASN A 41 15.21 8.82 -22.72
C ASN A 41 15.33 7.31 -22.53
N VAL A 42 14.59 6.74 -21.60
CA VAL A 42 14.68 5.31 -21.31
C VAL A 42 13.71 4.54 -22.16
N HIS A 43 14.13 3.36 -22.62
CA HIS A 43 13.30 2.45 -23.42
C HIS A 43 12.89 1.29 -22.53
N THR A 44 11.65 1.31 -22.05
CA THR A 44 11.19 0.30 -21.11
C THR A 44 11.15 -1.10 -21.73
N CYS A 45 11.02 -1.20 -23.05
CA CYS A 45 10.98 -2.52 -23.68
C CYS A 45 12.28 -3.28 -23.48
N ASP A 46 13.37 -2.60 -23.15
CA ASP A 46 14.67 -3.23 -23.00
C ASP A 46 14.99 -3.60 -21.56
N MET A 47 14.05 -3.43 -20.64
CA MET A 47 14.31 -3.74 -19.24
C MET A 47 14.43 -5.24 -19.05
N GLN A 48 15.31 -5.64 -18.15
CA GLN A 48 15.50 -7.04 -17.78
C GLN A 48 15.22 -7.20 -16.29
N LEU A 49 14.86 -8.42 -15.91
CA LEU A 49 14.59 -8.77 -14.52
C LEU A 49 15.70 -9.69 -14.04
N GLN A 50 16.37 -9.31 -12.96
CA GLN A 50 17.44 -10.14 -12.43
C GLN A 50 16.89 -11.09 -11.37
N PRO A 51 17.39 -12.33 -11.29
CA PRO A 51 16.95 -13.21 -10.20
C PRO A 51 17.29 -12.63 -8.85
N ASP A 52 16.42 -12.85 -7.87
CA ASP A 52 16.62 -12.37 -6.52
C ASP A 52 17.31 -13.45 -5.70
N SER A 53 18.53 -13.17 -5.24
CA SER A 53 19.25 -14.09 -4.39
C SER A 53 18.66 -14.16 -2.98
N GLY A 54 17.75 -13.26 -2.62
CA GLY A 54 17.20 -13.20 -1.30
C GLY A 54 18.13 -12.64 -0.24
N ILE A 55 19.42 -12.47 -0.55
CA ILE A 55 20.39 -11.96 0.41
C ILE A 55 20.53 -10.46 0.17
N HIS A 56 20.19 -9.66 1.18
CA HIS A 56 20.19 -8.22 1.05
C HIS A 56 20.75 -7.58 2.30
N ALA A 57 21.57 -6.56 2.10
CA ALA A 57 22.05 -5.75 3.22
C ALA A 57 20.92 -4.88 3.75
N ALA A 58 21.11 -4.38 4.97
CA ALA A 58 20.07 -3.57 5.59
C ALA A 58 19.80 -2.30 4.78
N SER A 59 20.79 -1.83 4.02
CA SER A 59 20.67 -0.58 3.27
C SER A 59 20.19 -0.78 1.84
N ASP A 60 19.87 -2.01 1.43
CA ASP A 60 19.46 -2.26 0.06
C ASP A 60 18.11 -1.59 -0.23
N GLY A 61 17.94 -1.18 -1.49
CA GLY A 61 16.74 -0.45 -1.87
C GLY A 61 15.47 -1.28 -1.88
N ILE A 62 15.60 -2.61 -1.88
CA ILE A 62 14.42 -3.46 -1.88
C ILE A 62 13.54 -3.21 -0.67
N HIS A 63 14.10 -2.62 0.40
CA HIS A 63 13.34 -2.38 1.61
C HIS A 63 12.43 -1.16 1.53
N TYR A 64 12.61 -0.31 0.52
CA TYR A 64 11.73 0.84 0.32
C TYR A 64 10.54 0.46 -0.55
N GLY A 65 9.47 1.25 -0.43
CA GLY A 65 8.27 1.04 -1.23
C GLY A 65 7.58 -0.28 -0.89
N VAL A 66 6.73 -0.70 -1.84
CA VAL A 66 6.07 -2.00 -1.78
C VAL A 66 6.82 -2.96 -2.68
N GLN A 67 7.16 -4.14 -2.15
CA GLN A 67 7.94 -5.14 -2.87
C GLN A 67 7.06 -6.34 -3.14
N ILE A 68 6.76 -6.59 -4.41
CA ILE A 68 5.95 -7.73 -4.84
C ILE A 68 6.72 -8.44 -5.95
N SER A 69 7.29 -9.59 -5.63
CA SER A 69 8.07 -10.33 -6.62
C SER A 69 7.19 -10.78 -7.79
N GLU A 70 7.79 -10.80 -8.98
CA GLU A 70 7.05 -11.22 -10.16
C GLU A 70 6.45 -12.62 -9.99
N ASP A 71 7.23 -13.54 -9.44
CA ASP A 71 6.77 -14.93 -9.34
C ASP A 71 5.61 -15.10 -8.37
N SER A 72 5.36 -14.12 -7.50
CA SER A 72 4.26 -14.22 -6.56
C SER A 72 2.95 -13.65 -7.10
N MET A 73 3.00 -12.89 -8.21
CA MET A 73 1.81 -12.20 -8.67
C MET A 73 0.64 -13.10 -9.00
N PRO A 74 0.83 -14.32 -9.51
CA PRO A 74 -0.33 -15.22 -9.72
C PRO A 74 -1.10 -15.55 -8.46
N LEU A 75 -0.57 -15.24 -7.27
CA LEU A 75 -1.31 -15.52 -6.04
C LEU A 75 -2.54 -14.63 -5.90
N PHE A 76 -2.57 -13.48 -6.58
CA PHE A 76 -3.61 -12.49 -6.46
C PHE A 76 -4.50 -12.53 -7.70
N SER A 77 -5.79 -12.77 -7.49
CA SER A 77 -6.71 -12.98 -8.60
C SER A 77 -6.82 -11.75 -9.49
N ILE A 78 -6.70 -10.54 -8.93
CA ILE A 78 -6.75 -9.34 -9.76
C ILE A 78 -5.46 -9.16 -10.54
N MET A 79 -4.49 -10.03 -10.32
CA MET A 79 -3.22 -9.94 -11.04
C MET A 79 -3.03 -11.18 -11.91
N GLY A 80 -1.87 -11.79 -11.86
CA GLY A 80 -1.56 -12.92 -12.74
C GLY A 80 -0.09 -12.91 -13.07
N ASP A 81 0.26 -13.52 -14.20
CA ASP A 81 1.66 -13.56 -14.60
C ASP A 81 1.99 -12.35 -15.47
N THR A 82 3.19 -12.34 -16.05
CA THR A 82 3.65 -11.22 -16.86
C THR A 82 4.03 -11.73 -18.25
N ALA A 83 4.14 -10.79 -19.18
CA ALA A 83 4.57 -11.10 -20.54
C ALA A 83 5.14 -9.84 -21.16
N ALA A 84 6.21 -9.99 -21.93
CA ALA A 84 6.85 -8.82 -22.52
C ALA A 84 5.90 -8.17 -23.53
N PRO A 85 5.81 -6.85 -23.53
CA PRO A 85 4.96 -6.17 -24.52
C PRO A 85 5.63 -6.15 -25.88
N PRO A 86 4.84 -6.06 -26.95
CA PRO A 86 5.44 -5.75 -28.26
C PRO A 86 5.90 -4.31 -28.30
N CYS A 87 6.97 -4.08 -29.04
CA CYS A 87 7.56 -2.75 -29.14
C CYS A 87 7.04 -2.06 -30.40
N THR A 88 6.28 -0.99 -30.19
CA THR A 88 5.86 -0.09 -31.26
C THR A 88 6.46 1.30 -31.10
N CYS A 89 7.54 1.41 -30.30
CA CYS A 89 8.06 2.72 -29.95
C CYS A 89 8.65 3.46 -31.15
N HIS A 90 9.15 2.73 -32.15
CA HIS A 90 9.76 3.39 -33.30
C HIS A 90 8.75 4.16 -34.14
N ARG A 91 7.45 3.98 -33.89
CA ARG A 91 6.41 4.69 -34.62
C ARG A 91 6.06 6.02 -33.97
N VAL A 92 6.83 6.47 -32.98
CA VAL A 92 6.50 7.71 -32.29
C VAL A 92 6.67 8.90 -33.21
N ASP A 93 7.58 8.82 -34.19
CA ASP A 93 7.75 9.92 -35.13
C ASP A 93 6.50 10.16 -35.95
N GLU A 94 5.72 9.10 -36.19
CA GLU A 94 4.47 9.27 -36.93
C GLU A 94 3.43 9.99 -36.09
N ILE A 95 3.46 9.78 -34.77
CA ILE A 95 2.57 10.51 -33.88
C ILE A 95 2.93 11.99 -33.87
N VAL A 96 4.22 12.30 -33.74
CA VAL A 96 4.65 13.70 -33.71
C VAL A 96 4.30 14.38 -35.02
N LYS A 97 4.52 13.69 -36.15
CA LYS A 97 4.15 14.26 -37.44
C LYS A 97 2.67 14.59 -37.51
N HIS A 98 1.82 13.69 -37.01
CA HIS A 98 0.38 13.95 -37.02
C HIS A 98 0.04 15.18 -36.17
N ILE A 99 0.63 15.27 -34.97
CA ILE A 99 0.33 16.42 -34.11
C ILE A 99 0.81 17.71 -34.79
N ASP A 100 1.98 17.67 -35.43
CA ASP A 100 2.46 18.83 -36.18
C ASP A 100 1.41 19.27 -37.21
N GLU A 101 0.87 18.31 -37.97
CA GLU A 101 -0.16 18.63 -38.94
C GLU A 101 -1.38 19.27 -38.28
N PHE A 102 -1.87 18.65 -37.20
CA PHE A 102 -3.08 19.14 -36.55
C PHE A 102 -2.89 20.56 -36.02
N LEU A 103 -1.73 20.85 -35.42
CA LEU A 103 -1.51 22.17 -34.84
C LEU A 103 -1.31 23.25 -35.90
N GLU A 104 -0.88 22.89 -37.11
CA GLU A 104 -0.74 23.88 -38.17
C GLU A 104 -2.07 24.52 -38.51
N ARG A 105 -3.15 23.73 -38.50
CA ARG A 105 -4.46 24.19 -38.92
C ARG A 105 -5.41 24.46 -37.75
N ALA A 106 -5.03 24.09 -36.53
CA ALA A 106 -5.95 24.22 -35.42
C ALA A 106 -6.25 25.69 -35.13
N PRO A 107 -7.50 26.04 -34.84
CA PRO A 107 -7.81 27.42 -34.48
C PRO A 107 -7.21 27.78 -33.12
N GLU A 108 -7.09 29.08 -32.88
CA GLU A 108 -6.49 29.56 -31.65
C GLU A 108 -7.43 29.43 -30.44
N ALA A 109 -8.67 29.03 -30.66
CA ALA A 109 -9.61 28.79 -29.56
C ALA A 109 -10.67 27.82 -30.04
N LEU A 110 -11.26 27.09 -29.09
CA LEU A 110 -12.26 26.08 -29.39
C LEU A 110 -13.56 26.37 -28.65
N PRO A 111 -14.71 25.98 -29.19
CA PRO A 111 -15.97 26.17 -28.46
C PRO A 111 -16.00 25.45 -27.13
N ASP A 112 -15.39 24.27 -27.04
CA ASP A 112 -15.42 23.47 -25.82
C ASP A 112 -14.31 23.81 -24.85
N ASP A 113 -13.47 24.81 -25.14
CA ASP A 113 -12.44 25.22 -24.20
C ASP A 113 -13.09 25.68 -22.90
N GLY A 114 -12.61 25.13 -21.78
CA GLY A 114 -13.12 25.48 -20.47
C GLY A 114 -14.28 24.65 -19.98
N ALA A 115 -14.75 23.68 -20.77
CA ALA A 115 -15.86 22.83 -20.34
C ALA A 115 -15.37 21.75 -19.39
N ILE A 116 -16.31 21.18 -18.64
CA ILE A 116 -16.03 20.08 -17.73
C ILE A 116 -16.00 18.78 -18.53
N THR A 117 -14.98 17.96 -18.28
CA THR A 117 -14.83 16.67 -18.94
C THR A 117 -14.62 15.53 -17.94
N SER A 118 -15.04 15.73 -16.68
CA SER A 118 -14.82 14.69 -15.68
C SER A 118 -15.76 13.50 -15.86
N GLY A 119 -16.81 13.64 -16.66
CA GLY A 119 -17.77 12.57 -16.86
C GLY A 119 -18.83 12.45 -15.79
N LYS A 120 -18.74 13.22 -14.71
CA LYS A 120 -19.73 13.18 -13.65
C LYS A 120 -20.78 14.24 -13.90
N PRO A 121 -22.06 13.88 -14.06
CA PRO A 121 -23.06 14.90 -14.40
C PRO A 121 -23.24 15.98 -13.33
N CYS A 122 -22.82 15.74 -12.09
CA CYS A 122 -23.00 16.73 -11.04
C CYS A 122 -21.91 17.81 -11.05
N ASP A 123 -20.83 17.62 -11.79
CA ASP A 123 -19.81 18.65 -11.94
C ASP A 123 -20.31 19.69 -12.95
N THR A 124 -20.55 20.91 -12.48
CA THR A 124 -21.00 22.00 -13.33
C THR A 124 -20.25 23.32 -13.11
N ASN A 125 -19.44 23.43 -12.05
CA ASN A 125 -18.68 24.63 -11.76
C ASN A 125 -17.20 24.30 -11.81
N PRO A 126 -16.41 24.90 -12.70
CA PRO A 126 -14.99 24.50 -12.81
C PRO A 126 -14.19 24.74 -11.54
N ASP A 127 -14.56 25.75 -10.73
CA ASP A 127 -13.84 25.96 -9.48
C ASP A 127 -14.16 24.89 -8.45
N GLN A 128 -15.39 24.36 -8.48
CA GLN A 128 -15.71 23.22 -7.64
C GLN A 128 -14.90 21.99 -8.06
N VAL A 129 -14.79 21.77 -9.38
CA VAL A 129 -13.95 20.67 -9.86
C VAL A 129 -12.51 20.87 -9.41
N SER A 130 -12.03 22.12 -9.44
CA SER A 130 -10.67 22.40 -9.00
C SER A 130 -10.48 22.08 -7.52
N LEU A 131 -11.51 22.34 -6.71
CA LEU A 131 -11.42 22.06 -5.29
C LEU A 131 -11.27 20.56 -5.04
N TYR A 132 -12.06 19.74 -5.73
CA TYR A 132 -11.89 18.30 -5.63
C TYR A 132 -10.52 17.87 -6.10
N ALA A 133 -9.95 18.57 -7.09
CA ALA A 133 -8.61 18.24 -7.55
C ALA A 133 -7.55 18.58 -6.51
N MET A 134 -7.79 19.63 -5.71
CA MET A 134 -6.85 19.95 -4.65
C MET A 134 -6.89 18.89 -3.56
N ARG A 135 -8.08 18.44 -3.18
CA ARG A 135 -8.21 17.28 -2.29
C ARG A 135 -7.39 16.12 -2.82
N ASP A 136 -7.56 15.79 -4.11
CA ASP A 136 -6.81 14.67 -4.69
C ASP A 136 -5.31 14.94 -4.64
N SER A 137 -4.91 16.18 -4.98
CA SER A 137 -3.49 16.51 -5.05
C SER A 137 -2.80 16.32 -3.70
N LEU A 138 -3.41 16.82 -2.63
CA LEU A 138 -2.82 16.64 -1.31
C LEU A 138 -2.82 15.16 -0.91
N SER A 139 -3.83 14.40 -1.32
CA SER A 139 -3.89 12.98 -0.98
C SER A 139 -2.77 12.19 -1.63
N TRP A 140 -2.45 12.50 -2.89
CA TRP A 140 -1.29 11.91 -3.55
C TRP A 140 0.00 12.29 -2.83
N TRP A 141 0.17 13.58 -2.58
CA TRP A 141 1.36 14.08 -1.91
C TRP A 141 1.65 13.29 -0.64
N VAL A 142 0.61 13.06 0.18
CA VAL A 142 0.80 12.37 1.45
C VAL A 142 1.19 10.91 1.23
N HIS A 143 0.54 10.24 0.26
CA HIS A 143 0.86 8.84 0.02
C HIS A 143 2.23 8.68 -0.61
N TRP A 144 2.70 9.70 -1.35
CA TRP A 144 4.07 9.69 -1.83
C TRP A 144 5.07 9.78 -0.69
N GLY A 145 4.64 10.25 0.48
CA GLY A 145 5.51 10.40 1.64
C GLY A 145 5.61 11.82 2.16
N GLY A 146 4.93 12.79 1.55
CA GLY A 146 5.04 14.17 1.98
C GLY A 146 4.05 14.53 3.06
N ASN A 147 4.20 15.74 3.58
CA ASN A 147 3.37 16.28 4.65
C ASN A 147 2.69 17.56 4.20
N LEU A 148 1.94 18.17 5.11
CA LEU A 148 1.17 19.38 4.82
C LEU A 148 1.81 20.62 5.42
N ARG A 149 3.10 20.59 5.71
CA ARG A 149 3.77 21.76 6.26
C ARG A 149 3.76 22.90 5.25
N PRO A 150 3.66 24.14 5.72
CA PRO A 150 3.40 25.26 4.78
C PRO A 150 4.55 25.55 3.82
N GLU A 151 5.76 25.07 4.09
CA GLU A 151 6.88 25.43 3.21
C GLU A 151 6.77 24.82 1.82
N HIS A 152 5.83 23.90 1.58
CA HIS A 152 5.68 23.27 0.27
C HIS A 152 4.38 23.68 -0.40
N TYR A 153 3.82 24.82 0.00
CA TYR A 153 2.52 25.27 -0.51
C TYR A 153 2.49 25.28 -2.03
N TRP A 154 3.45 25.94 -2.66
CA TRP A 154 3.38 26.12 -4.10
C TRP A 154 3.75 24.87 -4.88
N LYS A 155 4.50 23.95 -4.26
CA LYS A 155 4.69 22.65 -4.88
C LYS A 155 3.38 21.87 -4.92
N GLN A 156 2.55 22.03 -3.90
CA GLN A 156 1.24 21.36 -3.88
C GLN A 156 0.26 22.02 -4.84
N ILE A 157 0.36 23.34 -5.01
CA ILE A 157 -0.44 24.01 -6.04
C ILE A 157 -0.08 23.45 -7.41
N TYR A 158 1.22 23.23 -7.65
CA TYR A 158 1.64 22.63 -8.91
C TYR A 158 0.93 21.30 -9.15
N ILE A 159 0.82 20.47 -8.10
CA ILE A 159 0.12 19.19 -8.24
C ILE A 159 -1.32 19.43 -8.66
N GLY A 160 -1.97 20.43 -8.07
CA GLY A 160 -3.33 20.76 -8.47
C GLY A 160 -3.44 21.17 -9.93
N PHE A 161 -2.50 21.99 -10.41
CA PHE A 161 -2.44 22.29 -11.82
C PHE A 161 -2.28 21.02 -12.64
N ALA A 162 -1.52 20.05 -12.12
CA ALA A 162 -1.31 18.80 -12.85
C ALA A 162 -2.55 17.92 -12.83
N ALA A 163 -3.42 18.08 -11.84
CA ALA A 163 -4.60 17.24 -11.74
C ALA A 163 -5.77 17.76 -12.56
N ILE A 164 -5.90 19.07 -12.73
CA ILE A 164 -7.14 19.65 -13.22
C ILE A 164 -7.34 19.48 -14.73
N PRO A 165 -6.30 19.51 -15.58
CA PRO A 165 -6.56 19.34 -17.02
C PRO A 165 -7.14 17.98 -17.38
N ASP A 166 -7.12 17.02 -16.45
CA ASP A 166 -7.79 15.75 -16.67
C ASP A 166 -9.31 15.92 -16.66
N ASP A 167 -9.80 16.88 -15.87
CA ASP A 167 -11.24 17.08 -15.69
C ASP A 167 -11.79 18.30 -16.42
N VAL A 168 -10.95 19.26 -16.78
CA VAL A 168 -11.38 20.49 -17.45
C VAL A 168 -10.58 20.67 -18.72
N GLN A 169 -11.25 20.97 -19.82
CA GLN A 169 -10.57 21.26 -21.08
C GLN A 169 -9.94 22.65 -20.96
N ILE A 170 -8.63 22.68 -20.75
CA ILE A 170 -7.88 23.92 -20.52
C ILE A 170 -7.11 24.24 -21.79
N SER A 171 -7.43 25.38 -22.39
CA SER A 171 -6.69 25.87 -23.53
C SER A 171 -5.25 26.15 -23.12
N PRO A 172 -4.25 25.54 -23.77
CA PRO A 172 -2.86 25.84 -23.40
C PRO A 172 -2.52 27.31 -23.49
N ARG A 173 -3.22 28.09 -24.31
CA ARG A 173 -2.94 29.51 -24.42
C ARG A 173 -3.48 30.28 -23.23
N GLU A 174 -4.68 29.93 -22.76
CA GLU A 174 -5.23 30.57 -21.57
C GLU A 174 -4.47 30.15 -20.30
N PHE A 175 -4.01 28.90 -20.25
CA PHE A 175 -3.10 28.51 -19.17
C PHE A 175 -1.83 29.37 -19.23
N LEU A 176 -1.31 29.60 -20.43
CA LEU A 176 -0.06 30.33 -20.58
C LEU A 176 -0.22 31.81 -20.26
N ASP A 177 -1.28 32.44 -20.75
CA ASP A 177 -1.38 33.90 -20.70
C ASP A 177 -2.05 34.42 -19.44
N GLY A 178 -2.46 33.54 -18.52
CA GLY A 178 -3.02 33.97 -17.26
C GLY A 178 -4.53 34.04 -17.22
N THR A 179 -5.21 33.73 -18.33
CA THR A 179 -6.68 33.76 -18.32
C THR A 179 -7.23 32.65 -17.44
N TYR A 180 -6.65 31.45 -17.51
CA TYR A 180 -7.07 30.37 -16.63
C TYR A 180 -6.45 30.53 -15.25
N ARG A 181 -7.27 30.33 -14.22
CA ARG A 181 -6.84 30.40 -12.83
C ARG A 181 -7.28 29.13 -12.12
N TYR A 182 -6.34 28.49 -11.42
CA TYR A 182 -6.64 27.33 -10.59
C TYR A 182 -6.87 27.83 -9.16
N LEU A 183 -8.12 27.72 -8.70
CA LEU A 183 -8.50 28.22 -7.38
C LEU A 183 -7.98 29.65 -7.16
N GLY A 184 -8.06 30.46 -8.22
CA GLY A 184 -7.67 31.85 -8.15
C GLY A 184 -6.23 32.14 -8.49
N HIS A 185 -5.39 31.12 -8.69
CA HIS A 185 -3.99 31.29 -8.99
C HIS A 185 -3.76 31.20 -10.50
N THR A 186 -3.07 32.19 -11.06
CA THR A 186 -2.55 32.03 -12.41
C THR A 186 -1.37 31.06 -12.39
N TRP A 187 -1.06 30.51 -13.56
CA TRP A 187 0.13 29.68 -13.66
C TRP A 187 1.38 30.44 -13.23
N ASP A 188 1.51 31.70 -13.66
CA ASP A 188 2.68 32.48 -13.29
C ASP A 188 2.74 32.73 -11.78
N ASP A 189 1.58 32.78 -11.11
CA ASP A 189 1.57 32.85 -9.65
C ASP A 189 2.28 31.62 -9.06
N CYS A 190 2.05 30.45 -9.66
CA CYS A 190 2.68 29.23 -9.18
C CYS A 190 4.19 29.27 -9.41
N LEU A 191 4.62 29.69 -10.61
CA LEU A 191 6.04 29.81 -10.89
C LEU A 191 6.71 30.79 -9.93
N SER A 192 6.08 31.95 -9.69
CA SER A 192 6.64 32.91 -8.76
C SER A 192 6.67 32.36 -7.34
N GLY A 193 5.68 31.54 -6.98
CA GLY A 193 5.68 30.94 -5.66
C GLY A 193 6.81 29.95 -5.49
N LEU A 194 7.06 29.12 -6.51
CA LEU A 194 8.17 28.16 -6.42
C LEU A 194 9.49 28.90 -6.24
N GLU A 195 9.67 30.03 -6.92
CA GLU A 195 10.85 30.84 -6.70
C GLU A 195 10.97 31.26 -5.24
N GLU A 196 9.85 31.67 -4.63
CA GLU A 196 9.88 32.06 -3.23
C GLU A 196 10.24 30.89 -2.33
N GLU A 197 9.83 29.68 -2.69
CA GLU A 197 10.14 28.48 -1.92
C GLU A 197 11.56 27.97 -2.15
N GLY A 198 12.36 28.70 -2.92
CA GLY A 198 13.77 28.37 -3.05
C GLY A 198 14.10 27.33 -4.11
N VAL A 199 13.14 26.91 -4.91
CA VAL A 199 13.45 25.98 -5.99
C VAL A 199 14.34 26.69 -7.00
N SER A 200 15.41 26.01 -7.42
CA SER A 200 16.39 26.65 -8.29
C SER A 200 15.77 26.99 -9.64
N PRO A 201 16.24 28.06 -10.29
CA PRO A 201 15.69 28.40 -11.61
C PRO A 201 15.70 27.25 -12.60
N ASP A 202 16.76 26.43 -12.61
CA ASP A 202 16.81 25.31 -13.54
C ASP A 202 15.74 24.27 -13.21
N GLU A 203 15.52 24.01 -11.92
CA GLU A 203 14.49 23.05 -11.53
C GLU A 203 13.10 23.59 -11.86
N ILE A 204 12.87 24.89 -11.67
CA ILE A 204 11.57 25.45 -11.99
C ILE A 204 11.28 25.32 -13.47
N GLU A 205 12.27 25.61 -14.31
CA GLU A 205 12.05 25.54 -15.76
C GLU A 205 11.75 24.11 -16.19
N PHE A 206 12.42 23.13 -15.60
CA PHE A 206 12.11 21.73 -15.91
C PHE A 206 10.65 21.43 -15.58
N ALA A 207 10.23 21.73 -14.34
CA ALA A 207 8.84 21.48 -13.98
C ALA A 207 7.89 22.32 -14.82
N ASN A 208 8.32 23.52 -15.20
CA ASN A 208 7.50 24.38 -16.07
C ASN A 208 7.31 23.73 -17.42
N MET A 209 8.39 23.28 -18.05
CA MET A 209 8.25 22.63 -19.35
C MET A 209 7.45 21.34 -19.25
N CYS A 210 7.56 20.61 -18.13
CA CYS A 210 6.73 19.42 -17.98
C CYS A 210 5.25 19.78 -17.93
N MET A 211 4.92 20.92 -17.30
CA MET A 211 3.52 21.36 -17.24
C MET A 211 3.04 21.84 -18.61
N TRP A 212 3.88 22.56 -19.36
CA TRP A 212 3.53 22.91 -20.73
C TRP A 212 3.18 21.66 -21.53
N ARG A 213 4.00 20.62 -21.41
CA ARG A 213 3.79 19.38 -22.15
C ARG A 213 2.51 18.69 -21.70
N GLN A 214 2.22 18.73 -20.40
CA GLN A 214 0.99 18.11 -19.91
C GLN A 214 -0.24 18.85 -20.42
N MET A 215 -0.25 20.18 -20.29
CA MET A 215 -1.39 20.96 -20.78
C MET A 215 -1.60 20.72 -22.27
N LEU A 216 -0.51 20.64 -23.03
CA LEU A 216 -0.63 20.44 -24.47
C LEU A 216 -1.16 19.05 -24.80
N THR A 217 -0.58 18.01 -24.19
CA THR A 217 -1.02 16.66 -24.54
C THR A 217 -2.41 16.37 -24.00
N GLN A 218 -2.76 16.91 -22.83
CA GLN A 218 -4.12 16.77 -22.33
C GLN A 218 -5.13 17.41 -23.28
N TRP A 219 -4.83 18.64 -23.72
CA TRP A 219 -5.72 19.33 -24.63
C TRP A 219 -5.79 18.63 -25.98
N LEU A 220 -4.65 18.14 -26.48
CA LEU A 220 -4.63 17.51 -27.79
C LEU A 220 -5.57 16.30 -27.84
N GLU A 221 -5.57 15.47 -26.80
CA GLU A 221 -6.42 14.28 -26.84
C GLU A 221 -7.89 14.64 -26.72
N LYS A 222 -8.22 15.84 -26.24
CA LYS A 222 -9.60 16.31 -26.24
C LYS A 222 -9.96 17.05 -27.53
N ALA A 223 -9.00 17.70 -28.17
CA ALA A 223 -9.26 18.55 -29.32
C ALA A 223 -9.03 17.85 -30.65
N ASP A 224 -8.12 16.88 -30.72
CA ASP A 224 -7.83 16.16 -31.96
C ASP A 224 -8.41 14.76 -31.86
N PRO A 225 -9.57 14.49 -32.47
CA PRO A 225 -10.19 13.17 -32.29
C PRO A 225 -9.35 12.01 -32.80
N GLU A 226 -8.33 12.27 -33.63
CA GLU A 226 -7.55 11.20 -34.23
C GLU A 226 -6.45 10.68 -33.32
N LEU A 227 -6.04 11.45 -32.32
CA LEU A 227 -4.80 11.15 -31.61
C LEU A 227 -4.89 9.84 -30.81
N LEU A 228 -5.89 9.73 -29.93
CA LEU A 228 -5.99 8.51 -29.14
C LEU A 228 -6.21 7.27 -29.99
N PRO A 229 -7.08 7.27 -31.01
CA PRO A 229 -7.18 6.08 -31.87
C PRO A 229 -5.85 5.73 -32.54
N LEU A 230 -4.97 6.71 -32.79
CA LEU A 230 -3.65 6.38 -33.33
C LEU A 230 -2.82 5.61 -32.31
N LEU A 231 -2.90 6.00 -31.04
CA LEU A 231 -2.12 5.35 -29.99
C LEU A 231 -2.73 4.05 -29.50
N LYS A 232 -4.05 3.88 -29.64
CA LYS A 232 -4.70 2.72 -29.04
C LYS A 232 -4.15 1.41 -29.61
N GLY A 233 -3.93 0.45 -28.73
CA GLY A 233 -3.40 -0.85 -29.10
C GLY A 233 -1.88 -0.90 -29.14
N LYS A 234 -1.26 0.17 -29.62
CA LYS A 234 0.20 0.32 -29.59
C LYS A 234 0.59 0.61 -28.14
N ILE A 235 0.70 -0.47 -27.35
CA ILE A 235 0.72 -0.32 -25.89
C ILE A 235 1.95 0.44 -25.45
N SER A 236 3.10 0.22 -26.10
CA SER A 236 4.32 0.90 -25.67
C SER A 236 4.22 2.41 -25.93
N LEU A 237 3.58 2.80 -27.04
CA LEU A 237 3.39 4.23 -27.30
C LEU A 237 2.30 4.82 -26.41
N MET A 238 1.23 4.06 -26.18
CA MET A 238 0.14 4.57 -25.35
C MET A 238 0.61 4.83 -23.93
N LEU A 239 1.42 3.92 -23.37
CA LEU A 239 1.93 4.11 -22.02
C LEU A 239 2.77 5.38 -21.94
N GLN A 240 3.66 5.58 -22.92
CA GLN A 240 4.48 6.80 -22.91
C GLN A 240 3.60 8.04 -22.91
N TYR A 241 2.55 8.05 -23.73
CA TYR A 241 1.69 9.23 -23.80
C TYR A 241 0.95 9.45 -22.50
N ARG A 242 0.48 8.37 -21.87
CA ARG A 242 -0.26 8.49 -20.61
C ARG A 242 0.60 9.07 -19.51
N VAL A 243 1.88 8.70 -19.46
CA VAL A 243 2.75 9.28 -18.44
C VAL A 243 2.92 10.77 -18.68
N LEU A 244 2.93 11.20 -19.94
CA LEU A 244 3.04 12.62 -20.22
C LEU A 244 1.79 13.38 -19.78
N THR A 245 0.60 12.82 -20.04
CA THR A 245 -0.63 13.50 -19.67
C THR A 245 -0.83 13.50 -18.16
N ALA A 246 -0.24 12.53 -17.44
CA ALA A 246 -0.29 12.52 -15.99
C ALA A 246 0.75 13.42 -15.37
N ASN A 247 1.83 13.72 -16.09
CA ASN A 247 2.91 14.58 -15.60
C ASN A 247 3.44 14.08 -14.25
N THR A 248 3.57 12.76 -14.13
CA THR A 248 4.20 12.22 -12.93
C THR A 248 5.68 12.59 -12.85
N LEU A 249 6.29 12.92 -13.98
CA LEU A 249 7.70 13.32 -13.97
C LEU A 249 7.88 14.72 -13.39
N GLY A 250 7.05 15.67 -13.84
CA GLY A 250 7.15 17.02 -13.29
C GLY A 250 6.78 17.07 -11.81
N CYS A 251 5.72 16.35 -11.43
CA CYS A 251 5.34 16.27 -10.03
C CYS A 251 6.46 15.67 -9.20
N LEU A 252 7.09 14.61 -9.71
CA LEU A 252 8.15 13.96 -8.97
C LEU A 252 9.32 14.90 -8.73
N ALA A 253 9.68 15.69 -9.75
CA ALA A 253 10.81 16.61 -9.60
C ALA A 253 10.63 17.51 -8.38
N LEU A 254 9.43 18.08 -8.23
CA LEU A 254 9.19 18.97 -7.10
C LEU A 254 9.03 18.21 -5.79
N PHE A 255 8.51 16.99 -5.84
CA PHE A 255 8.43 16.21 -4.62
C PHE A 255 9.82 15.85 -4.10
N MET A 256 10.75 15.50 -5.00
CA MET A 256 12.12 15.22 -4.57
C MET A 256 12.76 16.45 -3.96
N ASN A 257 12.52 17.62 -4.56
CA ASN A 257 13.03 18.86 -3.96
C ASN A 257 12.52 19.02 -2.53
N ALA A 258 11.24 18.73 -2.31
CA ALA A 258 10.66 18.92 -0.99
C ALA A 258 11.16 17.90 0.02
N THR A 259 11.55 16.72 -0.44
CA THR A 259 11.86 15.60 0.45
C THR A 259 13.35 15.35 0.59
N ALA A 260 14.18 15.92 -0.27
CA ALA A 260 15.58 15.54 -0.33
C ALA A 260 16.32 15.91 0.94
N ASP A 261 17.34 15.12 1.24
CA ASP A 261 18.29 15.46 2.30
C ASP A 261 18.98 16.77 1.95
N PRO A 262 19.01 17.76 2.84
CA PRO A 262 19.58 19.07 2.46
C PRO A 262 21.01 18.98 1.93
N LYS A 263 21.79 18.00 2.35
CA LYS A 263 23.14 17.83 1.83
C LYS A 263 23.14 16.98 0.57
N GLY A 265 21.75 18.40 -2.76
CA GLY A 265 21.85 19.37 -3.84
C GLY A 265 20.66 19.36 -4.78
N PRO A 266 20.76 20.09 -5.89
CA PRO A 266 19.62 20.22 -6.80
C PRO A 266 19.33 18.94 -7.57
N ILE A 267 18.08 18.82 -8.00
CA ILE A 267 17.62 17.68 -8.78
C ILE A 267 17.91 18.00 -10.25
N HIS A 268 18.99 17.43 -10.77
CA HIS A 268 19.42 17.67 -12.15
C HIS A 268 18.91 16.54 -13.02
N TYR A 269 17.95 16.85 -13.90
CA TYR A 269 17.50 15.86 -14.87
C TYR A 269 18.67 15.19 -15.56
N ALA A 270 19.70 15.97 -15.93
CA ALA A 270 20.86 15.40 -16.61
C ALA A 270 21.39 14.17 -15.89
N ASP A 271 21.45 14.21 -14.56
CA ASP A 271 22.02 13.11 -13.79
C ASP A 271 20.98 12.09 -13.36
N SER A 272 19.77 12.54 -13.01
CA SER A 272 18.76 11.67 -12.42
C SER A 272 17.61 11.35 -13.36
N SER A 273 17.75 11.64 -14.67
CA SER A 273 16.65 11.40 -15.59
C SER A 273 16.19 9.95 -15.55
N TYR A 274 17.13 9.02 -15.46
CA TYR A 274 16.80 7.60 -15.57
C TYR A 274 15.91 7.15 -14.41
N GLU A 275 16.36 7.38 -13.17
CA GLU A 275 15.56 6.95 -12.03
C GLU A 275 14.22 7.66 -11.99
N MET A 276 14.20 8.94 -12.36
CA MET A 276 12.96 9.71 -12.30
C MET A 276 11.97 9.23 -13.36
N GLU A 277 12.43 8.97 -14.58
CA GLU A 277 11.52 8.46 -15.60
C GLU A 277 11.02 7.06 -15.23
N ILE A 278 11.91 6.20 -14.72
CA ILE A 278 11.51 4.86 -14.32
C ILE A 278 10.45 4.92 -13.22
N ALA A 279 10.66 5.78 -12.23
CA ALA A 279 9.70 5.88 -11.13
C ALA A 279 8.37 6.46 -11.61
N SER A 280 8.41 7.40 -12.55
CA SER A 280 7.17 7.98 -13.04
C SER A 280 6.36 6.97 -13.86
N VAL A 281 7.05 6.10 -14.61
CA VAL A 281 6.36 5.05 -15.33
C VAL A 281 5.72 4.06 -14.36
N ALA A 282 6.45 3.69 -13.29
CA ALA A 282 5.93 2.68 -12.37
C ALA A 282 4.63 3.14 -11.74
N GLN A 283 4.56 4.40 -11.28
CA GLN A 283 3.35 4.84 -10.61
C GLN A 283 2.15 4.83 -11.55
N CYS A 284 2.35 5.20 -12.81
N CYS A 284 2.36 5.21 -12.81
CA CYS A 284 1.25 5.19 -13.77
CA CYS A 284 1.28 5.19 -13.78
C CYS A 284 0.73 3.77 -14.00
C CYS A 284 0.74 3.78 -13.98
N VAL A 285 1.62 2.78 -13.98
CA VAL A 285 1.18 1.40 -14.17
C VAL A 285 0.41 0.90 -12.95
N THR A 286 0.75 1.36 -11.74
CA THR A 286 0.04 0.90 -10.56
C THR A 286 -1.43 1.31 -10.59
N LEU A 287 -1.76 2.40 -11.28
CA LEU A 287 -3.16 2.81 -11.41
C LEU A 287 -3.99 1.67 -12.00
N ASP A 288 -3.55 1.12 -13.13
CA ASP A 288 -4.29 0.04 -13.77
C ASP A 288 -4.31 -1.21 -12.88
N MET A 289 -3.19 -1.53 -12.23
CA MET A 289 -3.16 -2.71 -11.38
C MET A 289 -4.16 -2.61 -10.24
N ALA A 290 -4.30 -1.42 -9.65
CA ALA A 290 -5.10 -1.25 -8.44
C ALA A 290 -6.57 -0.96 -8.71
N LYS A 291 -6.88 -0.33 -9.85
CA LYS A 291 -8.27 -0.01 -10.16
C LYS A 291 -9.12 -1.27 -10.27
N GLU A 292 -8.52 -2.43 -10.57
CA GLU A 292 -9.31 -3.64 -10.72
C GLU A 292 -10.03 -4.01 -9.43
N ALA A 293 -9.36 -3.85 -8.29
CA ALA A 293 -9.96 -4.22 -7.01
C ALA A 293 -11.12 -3.30 -6.63
N MET A 294 -11.17 -2.09 -7.18
CA MET A 294 -12.13 -1.10 -6.71
C MET A 294 -13.57 -1.56 -6.91
N GLY A 295 -13.91 -1.98 -8.14
CA GLY A 295 -15.26 -2.44 -8.40
C GLY A 295 -15.66 -3.57 -7.47
N ILE A 296 -14.74 -4.50 -7.21
CA ILE A 296 -15.03 -5.59 -6.30
C ILE A 296 -15.28 -5.05 -4.89
N LEU A 297 -14.48 -4.07 -4.48
CA LEU A 297 -14.61 -3.50 -3.14
C LEU A 297 -15.95 -2.83 -2.90
N GLN A 298 -16.73 -2.57 -3.96
CA GLN A 298 -18.06 -2.02 -3.81
C GLN A 298 -19.07 -3.13 -3.53
N ARG A 301 -19.18 -7.31 -8.36
CA ARG A 301 -18.84 -7.04 -9.76
C ARG A 301 -17.64 -7.87 -10.20
N THR A 302 -17.85 -9.16 -10.36
CA THR A 302 -16.78 -10.11 -10.70
C THR A 302 -16.98 -10.62 -12.12
N GLU A 303 -15.87 -10.70 -12.86
CA GLU A 303 -15.90 -11.06 -14.28
C GLU A 303 -14.61 -11.76 -14.64
N VAL A 304 -14.70 -12.70 -15.58
CA VAL A 304 -13.52 -13.37 -16.10
C VAL A 304 -12.91 -12.52 -17.21
N VAL A 305 -11.62 -12.20 -17.07
CA VAL A 305 -10.89 -11.41 -18.05
C VAL A 305 -9.86 -12.30 -18.73
N ALA A 306 -9.91 -12.34 -20.05
CA ALA A 306 -9.02 -13.19 -20.84
C ALA A 306 -8.67 -12.45 -22.12
N GLY A 307 -8.12 -13.18 -23.11
CA GLY A 307 -7.85 -12.61 -24.41
C GLY A 307 -6.93 -11.41 -24.34
N ASP A 308 -7.16 -10.44 -25.23
CA ASP A 308 -6.27 -9.29 -25.34
C ASP A 308 -6.34 -8.39 -24.11
N ARG A 309 -7.53 -8.25 -23.51
CA ARG A 309 -7.63 -7.49 -22.26
C ARG A 309 -6.68 -8.07 -21.22
N ALA A 310 -6.72 -9.39 -21.03
CA ALA A 310 -5.82 -10.00 -20.05
C ALA A 310 -4.37 -9.83 -20.47
N GLN A 311 -4.08 -9.90 -21.77
CA GLN A 311 -2.70 -9.77 -22.23
C GLN A 311 -2.15 -8.38 -21.90
N ARG A 312 -2.96 -7.34 -22.07
CA ARG A 312 -2.51 -5.99 -21.75
C ARG A 312 -2.10 -5.87 -20.29
N LYS A 313 -2.81 -6.57 -19.40
CA LYS A 313 -2.48 -6.51 -17.98
C LYS A 313 -1.17 -7.24 -17.70
N ARG A 314 -0.95 -8.38 -18.34
CA ARG A 314 0.32 -9.09 -18.20
C ARG A 314 1.48 -8.19 -18.62
N GLU A 315 1.27 -7.40 -19.67
CA GLU A 315 2.33 -6.52 -20.17
C GLU A 315 2.58 -5.37 -19.20
N LEU A 316 1.52 -4.82 -18.60
CA LEU A 316 1.70 -3.74 -17.64
C LEU A 316 2.41 -4.24 -16.38
N ARG A 317 2.04 -5.43 -15.89
CA ARG A 317 2.76 -5.97 -14.73
C ARG A 317 4.21 -6.25 -15.07
N TRP A 318 4.47 -6.73 -16.29
CA TRP A 318 5.85 -6.95 -16.75
C TRP A 318 6.67 -5.68 -16.59
N ILE A 319 6.11 -4.54 -17.04
CA ILE A 319 6.82 -3.27 -16.96
C ILE A 319 6.99 -2.85 -15.49
N TYR A 320 5.96 -3.07 -14.68
CA TYR A 320 6.00 -2.59 -13.29
C TYR A 320 7.10 -3.25 -12.48
N VAL A 321 7.18 -4.59 -12.52
CA VAL A 321 8.15 -5.26 -11.66
C VAL A 321 9.57 -4.91 -12.06
N ARG A 322 9.81 -4.70 -13.36
CA ARG A 322 11.15 -4.35 -13.80
C ARG A 322 11.51 -2.92 -13.43
N CYS A 323 10.54 -2.01 -13.54
CA CYS A 323 10.76 -0.64 -13.05
C CYS A 323 11.12 -0.65 -11.57
N MET A 324 10.38 -1.42 -10.77
CA MET A 324 10.63 -1.41 -9.33
C MET A 324 12.00 -1.97 -9.00
N GLN A 325 12.41 -3.04 -9.69
CA GLN A 325 13.73 -3.62 -9.39
C GLN A 325 14.86 -2.66 -9.76
N ILE A 326 14.70 -1.93 -10.87
CA ILE A 326 15.70 -0.92 -11.25
C ILE A 326 15.86 0.10 -10.13
N LEU A 327 14.74 0.53 -9.53
CA LEU A 327 14.81 1.56 -8.51
C LEU A 327 15.55 1.11 -7.26
N GLU A 328 15.70 -0.20 -7.05
CA GLU A 328 16.38 -0.70 -5.86
C GLU A 328 17.80 -0.14 -5.74
N SER A 329 18.50 -0.03 -6.86
CA SER A 329 19.91 0.35 -6.85
C SER A 329 20.13 1.80 -7.28
N GLN A 330 19.06 2.59 -7.39
CA GLN A 330 19.25 3.97 -7.83
C GLN A 330 19.55 4.88 -6.64
N PRO A 331 20.26 5.99 -6.87
CA PRO A 331 20.72 6.81 -5.73
C PRO A 331 19.60 7.33 -4.86
N HIS A 332 18.41 7.57 -5.42
CA HIS A 332 17.30 8.10 -4.65
C HIS A 332 16.22 7.06 -4.40
N ALA A 333 16.63 5.79 -4.23
CA ALA A 333 15.68 4.74 -3.91
C ALA A 333 14.87 5.07 -2.67
N HIS A 334 15.46 5.78 -1.70
CA HIS A 334 14.75 6.08 -0.46
C HIS A 334 13.56 6.99 -0.67
N MET A 335 13.42 7.59 -1.84
CA MET A 335 12.24 8.38 -2.23
C MET A 335 11.45 7.74 -3.35
N LEU A 336 12.14 7.13 -4.33
CA LEU A 336 11.51 6.76 -5.59
C LEU A 336 10.80 5.42 -5.54
N ARG A 337 11.27 4.48 -4.71
CA ARG A 337 10.55 3.20 -4.58
C ARG A 337 9.12 3.44 -4.11
N ARG A 338 8.95 4.27 -3.08
CA ARG A 338 7.62 4.57 -2.59
C ARG A 338 6.79 5.32 -3.62
N TYR A 339 7.40 6.29 -4.31
CA TYR A 339 6.68 6.97 -5.39
C TYR A 339 6.21 5.98 -6.44
N GLY A 340 7.07 5.02 -6.79
CA GLY A 340 6.72 4.08 -7.86
C GLY A 340 5.53 3.20 -7.52
N SER A 341 5.41 2.77 -6.26
CA SER A 341 4.36 1.84 -5.86
C SER A 341 3.22 2.51 -5.09
N ALA A 342 3.23 3.84 -4.98
CA ALA A 342 2.30 4.52 -4.08
C ALA A 342 0.85 4.22 -4.42
N GLY A 343 0.54 3.95 -5.70
CA GLY A 343 -0.83 3.70 -6.09
C GLY A 343 -1.43 2.45 -5.49
N LEU A 344 -0.59 1.50 -5.04
CA LEU A 344 -1.10 0.29 -4.42
C LEU A 344 -1.78 0.58 -3.09
N HIS A 345 -1.50 1.73 -2.46
CA HIS A 345 -2.23 2.12 -1.26
C HIS A 345 -3.03 3.41 -1.41
N TYR A 346 -2.72 4.28 -2.37
CA TYR A 346 -3.53 5.51 -2.46
C TYR A 346 -4.80 5.29 -3.26
N VAL A 347 -4.81 4.39 -4.25
CA VAL A 347 -6.04 4.13 -5.00
C VAL A 347 -7.14 3.59 -4.08
N PRO A 348 -6.89 2.57 -3.23
CA PRO A 348 -7.97 2.05 -2.37
C PRO A 348 -8.42 3.02 -1.28
N MET A 349 -7.63 4.05 -0.95
CA MET A 349 -7.98 4.96 0.13
C MET A 349 -8.54 6.30 -0.33
N MET A 350 -8.25 6.73 -1.57
CA MET A 350 -8.59 8.09 -1.97
C MET A 350 -10.03 8.20 -2.46
N ASP A 351 -10.70 9.29 -2.04
CA ASP A 351 -12.06 9.55 -2.48
C ASP A 351 -12.18 9.57 -4.00
N ARG A 352 -11.13 10.07 -4.67
CA ARG A 352 -11.16 10.19 -6.12
C ARG A 352 -11.61 8.89 -6.78
N TYR A 353 -11.05 7.77 -6.35
CA TYR A 353 -11.35 6.49 -6.98
C TYR A 353 -12.57 5.82 -6.39
N LEU A 354 -12.81 5.99 -5.08
CA LEU A 354 -14.03 5.47 -4.49
C LEU A 354 -15.26 6.16 -5.05
N GLU A 355 -15.14 7.44 -5.41
CA GLU A 355 -16.27 8.15 -6.00
C GLU A 355 -16.70 7.53 -7.32
N ARG A 356 -15.74 7.10 -8.15
CA ARG A 356 -16.08 6.57 -9.46
C ARG A 356 -16.90 5.29 -9.36
N VAL A 357 -16.58 4.43 -8.39
CA VAL A 357 -17.31 3.18 -8.25
C VAL A 357 -18.68 3.40 -7.64
N SER A 358 -18.88 4.51 -6.94
CA SER A 358 -20.17 4.80 -6.29
C SER A 358 -21.08 5.63 -7.18
N GLY A 359 -21.24 5.21 -8.43
CA GLY A 359 -22.19 5.83 -9.31
C GLY A 359 -21.78 7.16 -9.90
N HIS A 360 -20.48 7.43 -10.00
CA HIS A 360 -19.97 8.65 -10.61
C HIS A 360 -20.47 9.90 -9.88
N THR A 361 -20.72 9.77 -8.57
CA THR A 361 -21.11 10.90 -7.74
C THR A 361 -19.86 11.54 -7.14
N ARG A 362 -20.08 12.55 -6.28
CA ARG A 362 -19.01 13.21 -5.55
C ARG A 362 -19.21 12.99 -4.06
N PHE A 363 -18.17 12.55 -3.38
CA PHE A 363 -18.22 12.52 -1.93
C PHE A 363 -18.18 13.95 -1.40
N PRO A 364 -18.99 14.28 -0.40
CA PRO A 364 -18.92 15.62 0.19
C PRO A 364 -17.57 15.86 0.84
N ILE A 365 -17.09 17.10 0.74
CA ILE A 365 -15.86 17.51 1.41
C ILE A 365 -16.23 17.83 2.86
N ARG A 366 -15.89 16.92 3.78
N ARG A 366 -15.89 16.93 3.78
CA ARG A 366 -16.25 17.10 5.17
CA ARG A 366 -16.24 17.09 5.17
C ARG A 366 -15.49 18.27 5.79
C ARG A 366 -15.48 18.26 5.80
N ASP A 367 -15.92 18.65 7.00
CA ASP A 367 -15.33 19.80 7.68
C ASP A 367 -13.82 19.69 7.78
N GLY A 368 -13.31 18.57 8.29
CA GLY A 368 -11.88 18.43 8.48
C GLY A 368 -11.09 18.64 7.20
N ALA A 369 -11.59 18.10 6.08
CA ALA A 369 -10.87 18.27 4.82
C ALA A 369 -10.97 19.71 4.32
N ALA A 370 -12.12 20.35 4.53
CA ALA A 370 -12.30 21.71 4.03
C ALA A 370 -11.35 22.69 4.71
N ARG A 371 -11.11 22.51 6.01
CA ARG A 371 -10.19 23.38 6.73
C ARG A 371 -8.77 23.23 6.21
N ILE A 372 -8.39 22.04 5.77
CA ILE A 372 -7.05 21.85 5.20
C ILE A 372 -6.95 22.58 3.87
N LEU A 373 -8.01 22.50 3.06
CA LEU A 373 -7.97 23.02 1.70
C LEU A 373 -8.11 24.53 1.64
N GLU A 374 -8.54 25.19 2.72
CA GLU A 374 -8.92 26.60 2.64
C GLU A 374 -7.76 27.47 2.19
N ARG A 375 -6.57 27.27 2.76
CA ARG A 375 -5.46 28.18 2.47
C ARG A 375 -4.96 28.07 1.03
N PHE A 376 -5.34 27.03 0.31
CA PHE A 376 -4.93 26.88 -1.09
C PHE A 376 -5.85 27.63 -2.05
N ILE A 377 -6.84 28.36 -1.55
CA ILE A 377 -7.80 29.08 -2.38
C ILE A 377 -7.50 30.58 -2.29
N ASN A 378 -7.20 31.19 -3.44
CA ASN A 378 -7.06 32.66 -3.53
C ASN A 378 -8.44 33.24 -3.82
N ARG A 379 -9.21 33.43 -2.76
CA ARG A 379 -10.60 33.87 -2.91
C ARG A 379 -10.68 35.24 -3.58
N ALA A 380 -9.68 36.09 -3.38
CA ALA A 380 -9.74 37.43 -3.94
C ALA A 380 -9.86 37.41 -5.46
N GLU A 381 -9.36 36.36 -6.11
CA GLU A 381 -9.35 36.28 -7.56
C GLU A 381 -10.37 35.27 -8.10
N LEU A 382 -11.29 34.79 -7.26
CA LEU A 382 -12.32 33.87 -7.72
C LEU A 382 -13.42 34.62 -8.47
N PRO A 383 -14.07 33.97 -9.43
CA PRO A 383 -15.24 34.59 -10.06
C PRO A 383 -16.38 34.76 -9.06
N LYS A 384 -17.34 35.60 -9.44
CA LYS A 384 -18.46 35.87 -8.56
C LYS A 384 -19.27 34.60 -8.29
N GLU A 385 -19.47 33.77 -9.32
CA GLU A 385 -20.28 32.56 -9.17
C GLU A 385 -19.62 31.52 -8.27
N SER A 386 -18.32 31.64 -8.00
CA SER A 386 -17.61 30.69 -7.15
C SER A 386 -17.31 31.26 -5.77
N GLU A 387 -17.92 32.40 -5.42
CA GLU A 387 -17.64 33.03 -4.14
C GLU A 387 -17.91 32.11 -2.96
N ASP A 388 -18.79 31.12 -3.13
CA ASP A 388 -19.29 30.32 -2.02
C ASP A 388 -18.66 28.93 -1.93
N ILE A 389 -17.61 28.65 -2.71
CA ILE A 389 -17.01 27.31 -2.65
C ILE A 389 -16.33 27.11 -1.30
N ASN A 390 -16.12 25.84 -0.95
CA ASN A 390 -15.50 25.46 0.31
C ASN A 390 -16.11 26.24 1.48
N PRO A 391 -17.44 26.25 1.60
CA PRO A 391 -18.07 27.08 2.65
C PRO A 391 -17.71 26.64 4.06
N ASN A 392 -17.65 25.33 4.30
CA ASN A 392 -17.30 24.79 5.61
C ASN A 392 -15.79 24.76 5.85
N GLY A 393 -15.02 25.53 5.09
CA GLY A 393 -13.57 25.49 5.20
C GLY A 393 -12.97 26.62 6.00
N ARG A 394 -13.59 27.80 5.95
CA ARG A 394 -13.09 28.96 6.68
C ARG A 394 -13.51 28.97 8.13
N SER A 395 -13.94 27.84 8.67
CA SER A 395 -14.33 27.73 10.08
C SER A 395 -13.10 27.86 10.98
N THR B 7 17.88 -39.55 30.41
CA THR B 7 16.74 -39.03 31.16
C THR B 7 15.55 -39.96 31.02
N PRO B 8 14.85 -40.24 32.12
CA PRO B 8 13.58 -40.96 32.01
C PRO B 8 12.52 -40.09 31.34
N THR B 9 11.77 -40.69 30.43
CA THR B 9 10.72 -39.97 29.73
C THR B 9 9.64 -39.54 30.73
N LYS B 10 9.63 -38.26 31.09
CA LYS B 10 8.65 -37.69 32.01
C LYS B 10 7.86 -36.62 31.28
N MET B 11 6.71 -36.27 31.86
CA MET B 11 5.80 -35.28 31.29
C MET B 11 5.53 -35.58 29.81
N ALA B 12 5.32 -36.86 29.51
CA ALA B 12 5.14 -37.27 28.11
C ALA B 12 3.97 -36.55 27.46
N THR B 13 2.87 -36.40 28.19
CA THR B 13 1.68 -35.70 27.71
C THR B 13 1.45 -34.45 28.55
N LEU B 14 0.90 -33.42 27.92
CA LEU B 14 0.58 -32.17 28.60
C LEU B 14 -0.92 -31.91 28.54
N THR B 15 -1.47 -31.45 29.66
CA THR B 15 -2.82 -30.94 29.69
C THR B 15 -2.84 -29.50 29.18
N THR B 16 -4.04 -28.99 28.92
CA THR B 16 -4.15 -27.59 28.51
C THR B 16 -3.66 -26.66 29.60
N LYS B 17 -3.87 -27.03 30.87
CA LYS B 17 -3.42 -26.20 31.99
C LYS B 17 -1.90 -26.14 32.07
N GLN B 18 -1.22 -27.26 31.82
CA GLN B 18 0.23 -27.26 31.86
C GLN B 18 0.82 -26.51 30.66
N MET B 19 0.11 -26.48 29.53
CA MET B 19 0.55 -25.64 28.42
C MET B 19 0.53 -24.17 28.81
N TRP B 20 -0.51 -23.75 29.52
CA TRP B 20 -0.61 -22.37 29.99
C TRP B 20 0.55 -22.04 30.92
N GLN B 21 0.83 -22.93 31.88
CA GLN B 21 1.94 -22.68 32.80
C GLN B 21 3.26 -22.61 32.04
N THR B 22 3.42 -23.43 31.00
CA THR B 22 4.67 -23.42 30.24
C THR B 22 4.92 -22.05 29.62
N ILE B 23 3.93 -21.49 28.94
CA ILE B 23 4.15 -20.19 28.31
C ILE B 23 4.25 -19.09 29.37
N LYS B 24 3.56 -19.27 30.50
CA LYS B 24 3.69 -18.31 31.59
C LYS B 24 5.13 -18.27 32.09
N ASP B 25 5.74 -19.44 32.30
CA ASP B 25 7.13 -19.51 32.73
C ASP B 25 8.08 -19.00 31.64
N TYR B 26 7.70 -19.11 30.37
CA TYR B 26 8.61 -18.71 29.31
C TYR B 26 8.59 -17.20 29.09
N PHE B 27 7.40 -16.60 28.97
CA PHE B 27 7.29 -15.20 28.59
C PHE B 27 7.50 -14.25 29.76
N GLY B 28 7.10 -14.63 30.97
CA GLY B 28 7.20 -13.73 32.10
C GLY B 28 6.17 -12.61 32.02
N ASP B 29 6.29 -11.69 32.97
CA ASP B 29 5.35 -10.58 33.09
C ASP B 29 5.65 -9.49 32.05
N GLY B 30 4.61 -8.73 31.73
CA GLY B 30 4.76 -7.53 30.92
C GLY B 30 5.06 -6.32 31.79
N PHE B 31 4.45 -5.18 31.48
CA PHE B 31 4.68 -3.98 32.28
C PHE B 31 3.79 -3.92 33.52
N VAL B 32 3.03 -4.97 33.82
CA VAL B 32 2.28 -5.09 35.07
C VAL B 32 2.61 -6.42 35.71
N THR B 33 2.69 -6.43 37.04
CA THR B 33 3.03 -7.64 37.78
C THR B 33 1.88 -8.64 37.72
N GLY B 34 2.23 -9.92 37.59
CA GLY B 34 1.24 -10.97 37.47
C GLY B 34 0.57 -11.05 36.11
N SER B 35 1.17 -10.48 35.08
CA SER B 35 0.56 -10.43 33.76
C SER B 35 0.95 -11.60 32.85
N ALA B 36 1.95 -12.39 33.22
CA ALA B 36 2.36 -13.51 32.39
C ALA B 36 1.16 -14.41 32.09
N PRO B 37 0.99 -14.87 30.84
CA PRO B 37 1.85 -14.72 29.67
C PRO B 37 1.49 -13.56 28.73
N ILE B 38 0.69 -12.60 29.21
CA ILE B 38 0.38 -11.39 28.44
C ILE B 38 1.53 -10.42 28.66
N SER B 39 2.64 -10.61 27.92
CA SER B 39 3.95 -10.16 28.38
C SER B 39 4.48 -8.93 27.65
N TYR B 40 3.67 -8.25 26.85
CA TYR B 40 4.16 -7.08 26.12
C TYR B 40 4.58 -5.99 27.09
N ASN B 41 5.75 -5.41 26.83
CA ASN B 41 6.24 -4.29 27.63
C ASN B 41 5.82 -2.94 27.08
N VAL B 42 5.57 -2.85 25.78
CA VAL B 42 5.11 -1.58 25.21
C VAL B 42 3.67 -1.32 25.64
N HIS B 43 3.35 -0.05 25.83
CA HIS B 43 2.03 0.38 26.33
C HIS B 43 1.48 1.46 25.40
N THR B 44 0.52 1.07 24.56
CA THR B 44 0.06 1.98 23.51
C THR B 44 -0.66 3.19 24.08
N CYS B 45 -1.30 3.05 25.24
CA CYS B 45 -2.13 4.14 25.76
C CYS B 45 -1.33 5.37 26.14
N ASP B 46 -0.04 5.20 26.46
CA ASP B 46 0.79 6.29 26.95
C ASP B 46 1.66 6.92 25.85
N MET B 47 1.49 6.50 24.60
CA MET B 47 2.34 7.00 23.52
C MET B 47 2.05 8.46 23.22
N GLN B 48 3.10 9.18 22.83
CA GLN B 48 3.02 10.59 22.49
C GLN B 48 3.44 10.79 21.04
N LEU B 49 2.66 11.56 20.29
CA LEU B 49 2.98 11.88 18.91
C LEU B 49 3.79 13.18 18.87
N GLN B 50 4.94 13.14 18.19
CA GLN B 50 5.75 14.34 18.11
C GLN B 50 5.49 15.07 16.79
N PRO B 51 5.60 16.40 16.79
CA PRO B 51 5.48 17.13 15.52
C PRO B 51 6.59 16.74 14.56
N ASP B 52 6.27 16.73 13.28
CA ASP B 52 7.26 16.40 12.25
C ASP B 52 8.12 17.63 11.98
N SER B 53 9.42 17.53 12.25
CA SER B 53 10.34 18.63 11.96
C SER B 53 10.51 18.84 10.46
N GLY B 54 10.28 17.81 9.65
CA GLY B 54 10.55 17.86 8.23
C GLY B 54 12.00 17.60 7.86
N ILE B 55 12.90 17.50 8.85
CA ILE B 55 14.31 17.28 8.59
C ILE B 55 14.56 15.78 8.68
N HIS B 56 14.84 15.16 7.53
CA HIS B 56 15.06 13.71 7.47
C HIS B 56 16.19 13.44 6.49
N ALA B 57 17.22 12.74 6.97
CA ALA B 57 18.29 12.32 6.09
C ALA B 57 17.83 11.18 5.19
N ALA B 58 18.63 10.89 4.17
CA ALA B 58 18.28 9.80 3.26
C ALA B 58 18.15 8.47 3.99
N SER B 59 18.86 8.32 5.10
CA SER B 59 18.83 7.09 5.89
C SER B 59 17.71 7.06 6.92
N ASP B 60 16.90 8.12 7.00
CA ASP B 60 15.85 8.19 8.01
C ASP B 60 14.82 7.08 7.81
N GLY B 61 14.33 6.54 8.91
CA GLY B 61 13.38 5.43 8.85
C GLY B 61 12.00 5.83 8.36
N ILE B 62 11.69 7.12 8.34
CA ILE B 62 10.40 7.55 7.84
C ILE B 62 10.21 7.18 6.38
N HIS B 63 11.29 6.90 5.66
CA HIS B 63 11.21 6.55 4.26
C HIS B 63 10.76 5.11 4.02
N TYR B 64 10.73 4.27 5.04
CA TYR B 64 10.27 2.90 4.90
C TYR B 64 8.77 2.82 5.18
N GLY B 65 8.13 1.81 4.57
CA GLY B 65 6.72 1.60 4.79
C GLY B 65 5.86 2.68 4.16
N VAL B 66 4.63 2.79 4.65
CA VAL B 66 3.68 3.80 4.24
C VAL B 66 3.68 4.90 5.29
N GLN B 67 3.75 6.16 4.86
CA GLN B 67 3.81 7.31 5.75
C GLN B 67 2.59 8.19 5.51
N ILE B 68 1.65 8.16 6.46
N ILE B 68 1.66 8.16 6.46
CA ILE B 68 0.43 8.95 6.40
CA ILE B 68 0.43 8.95 6.41
C ILE B 68 0.36 9.76 7.68
C ILE B 68 0.37 9.76 7.69
N SER B 69 0.63 11.07 7.59
CA SER B 69 0.64 11.92 8.77
C SER B 69 -0.75 12.01 9.39
N GLU B 70 -0.78 12.15 10.71
CA GLU B 70 -2.05 12.29 11.42
C GLU B 70 -2.86 13.47 10.88
N ASP B 71 -2.20 14.60 10.63
CA ASP B 71 -2.92 15.80 10.21
C ASP B 71 -3.56 15.65 8.84
N SER B 72 -3.09 14.73 8.01
CA SER B 72 -3.63 14.56 6.67
C SER B 72 -4.84 13.64 6.64
N MET B 73 -5.11 12.88 7.70
CA MET B 73 -6.11 11.83 7.61
C MET B 73 -7.52 12.34 7.32
N PRO B 74 -7.94 13.53 7.73
CA PRO B 74 -9.27 14.03 7.34
C PRO B 74 -9.45 14.22 5.83
N LEU B 75 -8.39 14.14 5.03
CA LEU B 75 -8.53 14.26 3.59
C LEU B 75 -9.25 13.06 2.99
N PHE B 76 -9.20 11.91 3.65
CA PHE B 76 -9.80 10.68 3.14
C PHE B 76 -11.11 10.42 3.87
N SER B 77 -12.20 10.30 3.10
CA SER B 77 -13.50 10.10 3.72
C SER B 77 -13.55 8.82 4.54
N ILE B 78 -12.85 7.77 4.12
CA ILE B 78 -12.87 6.52 4.88
C ILE B 78 -11.98 6.58 6.12
N MET B 79 -11.27 7.68 6.32
CA MET B 79 -10.44 7.88 7.50
C MET B 79 -11.09 8.94 8.38
N GLY B 80 -10.37 9.95 8.85
CA GLY B 80 -10.92 10.97 9.72
C GLY B 80 -9.87 11.43 10.71
N ASP B 81 -10.33 11.89 11.88
CA ASP B 81 -9.42 12.37 12.91
C ASP B 81 -9.14 11.23 13.89
N THR B 82 -8.43 11.55 14.99
CA THR B 82 -7.98 10.56 15.95
C THR B 82 -8.40 10.96 17.35
N ALA B 83 -8.36 9.99 18.26
CA ALA B 83 -8.70 10.23 19.65
C ALA B 83 -7.97 9.21 20.52
N ALA B 84 -7.55 9.65 21.70
CA ALA B 84 -6.79 8.76 22.58
C ALA B 84 -7.72 7.69 23.16
N PRO B 85 -7.25 6.45 23.27
CA PRO B 85 -8.09 5.40 23.84
C PRO B 85 -8.01 5.38 25.35
N PRO B 86 -9.07 4.99 26.04
CA PRO B 86 -8.99 4.83 27.50
C PRO B 86 -8.23 3.57 27.88
N CYS B 87 -7.50 3.66 29.00
CA CYS B 87 -6.59 2.61 29.42
C CYS B 87 -7.20 1.78 30.54
N THR B 88 -7.29 0.46 30.32
CA THR B 88 -7.63 -0.50 31.36
C THR B 88 -6.54 -1.54 31.54
N CYS B 89 -5.33 -1.23 31.09
CA CYS B 89 -4.28 -2.24 30.99
C CYS B 89 -3.80 -2.72 32.35
N HIS B 90 -3.83 -1.85 33.35
CA HIS B 90 -3.28 -2.22 34.66
C HIS B 90 -4.07 -3.33 35.35
N ARG B 91 -5.06 -3.96 34.71
CA ARG B 91 -5.76 -5.08 35.31
C ARG B 91 -5.67 -6.33 34.43
N VAL B 92 -4.61 -6.44 33.64
CA VAL B 92 -4.33 -7.69 32.94
C VAL B 92 -4.16 -8.82 33.94
N ASP B 93 -3.72 -8.51 35.16
CA ASP B 93 -3.51 -9.55 36.15
C ASP B 93 -4.82 -10.24 36.52
N GLU B 94 -5.94 -9.50 36.49
CA GLU B 94 -7.23 -10.12 36.77
C GLU B 94 -7.71 -10.95 35.59
N ILE B 95 -7.31 -10.60 34.37
CA ILE B 95 -7.61 -11.47 33.23
C ILE B 95 -6.86 -12.79 33.38
N VAL B 96 -5.59 -12.72 33.80
CA VAL B 96 -4.80 -13.94 33.97
C VAL B 96 -5.36 -14.80 35.09
N LYS B 97 -5.76 -14.17 36.21
CA LYS B 97 -6.37 -14.93 37.30
C LYS B 97 -7.67 -15.57 36.85
N HIS B 98 -8.45 -14.87 36.02
CA HIS B 98 -9.67 -15.45 35.50
C HIS B 98 -9.37 -16.70 34.67
N ILE B 99 -8.35 -16.65 33.83
CA ILE B 99 -8.02 -17.79 32.99
C ILE B 99 -7.43 -18.92 33.82
N ASP B 100 -6.62 -18.58 34.82
CA ASP B 100 -6.11 -19.61 35.72
C ASP B 100 -7.25 -20.36 36.40
N GLU B 101 -8.29 -19.62 36.85
CA GLU B 101 -9.44 -20.26 37.46
C GLU B 101 -10.16 -21.18 36.48
N PHE B 102 -10.34 -20.73 35.24
CA PHE B 102 -11.04 -21.54 34.25
C PHE B 102 -10.30 -22.83 33.97
N LEU B 103 -8.96 -22.77 33.89
CA LEU B 103 -8.17 -23.95 33.55
C LEU B 103 -8.12 -24.98 34.68
N GLU B 104 -8.50 -24.60 35.90
CA GLU B 104 -8.60 -25.59 36.97
C GLU B 104 -9.67 -26.64 36.67
N ARG B 105 -10.60 -26.35 35.75
CA ARG B 105 -11.69 -27.26 35.44
C ARG B 105 -11.95 -27.36 33.94
N ALA B 106 -11.04 -26.88 33.10
CA ALA B 106 -11.28 -26.84 31.67
C ALA B 106 -11.58 -28.25 31.15
N PRO B 107 -12.47 -28.39 30.16
CA PRO B 107 -12.82 -29.71 29.62
C PRO B 107 -11.71 -30.30 28.76
N ALA B 109 -11.76 -30.47 25.68
CA ALA B 109 -12.44 -30.91 24.46
C ALA B 109 -13.74 -30.17 24.25
N LEU B 110 -13.84 -29.47 23.14
CA LEU B 110 -15.04 -28.73 22.77
C LEU B 110 -15.85 -29.53 21.76
N PRO B 111 -17.16 -29.25 21.65
CA PRO B 111 -18.00 -30.08 20.78
C PRO B 111 -17.79 -29.77 19.30
N ASP B 112 -17.42 -28.53 18.97
CA ASP B 112 -17.30 -28.08 17.59
C ASP B 112 -15.89 -28.25 17.04
N ASP B 113 -15.07 -29.09 17.65
CA ASP B 113 -13.72 -29.31 17.14
C ASP B 113 -13.78 -29.89 15.73
N GLY B 114 -12.94 -29.36 14.84
CA GLY B 114 -12.91 -29.76 13.46
C GLY B 114 -13.81 -28.97 12.54
N ALA B 115 -14.80 -28.28 13.09
CA ALA B 115 -15.73 -27.51 12.25
C ALA B 115 -15.01 -26.38 11.54
N ILE B 116 -15.52 -26.05 10.36
CA ILE B 116 -15.02 -24.92 9.57
C ILE B 116 -15.73 -23.65 10.04
N THR B 117 -14.96 -22.59 10.22
CA THR B 117 -15.46 -21.31 10.72
C THR B 117 -15.01 -20.17 9.82
N SER B 118 -14.94 -20.43 8.52
CA SER B 118 -14.32 -19.47 7.58
C SER B 118 -15.26 -18.35 7.17
N GLY B 119 -16.56 -18.45 7.44
CA GLY B 119 -17.50 -17.46 7.00
C GLY B 119 -17.84 -17.51 5.53
N LYS B 120 -17.30 -18.48 4.79
CA LYS B 120 -17.61 -18.67 3.38
C LYS B 120 -18.36 -20.00 3.22
N PRO B 121 -19.70 -19.98 3.16
CA PRO B 121 -20.47 -21.23 3.25
C PRO B 121 -20.01 -22.36 2.32
N CYS B 122 -19.37 -22.04 1.19
CA CYS B 122 -18.99 -23.10 0.26
C CYS B 122 -17.85 -23.97 0.77
N ASP B 123 -17.24 -23.63 1.90
CA ASP B 123 -16.16 -24.43 2.45
C ASP B 123 -16.71 -25.66 3.17
N THR B 124 -16.38 -26.84 2.66
CA THR B 124 -16.78 -28.09 3.28
C THR B 124 -15.63 -29.02 3.64
N ASN B 125 -14.43 -28.78 3.09
CA ASN B 125 -13.28 -29.63 3.35
C ASN B 125 -12.23 -28.85 4.12
N PRO B 126 -11.86 -29.26 5.35
CA PRO B 126 -10.88 -28.47 6.11
C PRO B 126 -9.54 -28.32 5.41
N ASP B 127 -9.13 -29.32 4.62
CA ASP B 127 -7.86 -29.23 3.93
C ASP B 127 -7.93 -28.24 2.76
N GLN B 128 -9.09 -28.14 2.11
CA GLN B 128 -9.26 -27.08 1.11
C GLN B 128 -9.20 -25.71 1.78
N VAL B 129 -9.78 -25.59 2.97
CA VAL B 129 -9.68 -24.33 3.71
C VAL B 129 -8.23 -24.02 4.04
N SER B 130 -7.45 -25.06 4.37
CA SER B 130 -6.03 -24.85 4.63
C SER B 130 -5.29 -24.37 3.38
N LEU B 131 -5.71 -24.82 2.20
CA LEU B 131 -5.04 -24.40 0.97
C LEU B 131 -5.27 -22.92 0.69
N TYR B 132 -6.50 -22.44 0.88
CA TYR B 132 -6.76 -21.01 0.79
C TYR B 132 -5.96 -20.25 1.84
N ALA B 133 -5.78 -20.85 3.02
CA ALA B 133 -4.96 -20.21 4.04
C ALA B 133 -3.50 -20.15 3.62
N MET B 134 -3.02 -21.13 2.86
CA MET B 134 -1.65 -21.08 2.37
C MET B 134 -1.51 -20.01 1.29
N ARG B 135 -2.52 -19.86 0.45
CA ARG B 135 -2.56 -18.74 -0.50
C ARG B 135 -2.45 -17.42 0.24
N ASP B 136 -3.29 -17.22 1.26
CA ASP B 136 -3.23 -16.00 2.05
C ASP B 136 -1.86 -15.84 2.71
N SER B 137 -1.29 -16.93 3.22
CA SER B 137 -0.05 -16.83 3.99
C SER B 137 1.10 -16.33 3.12
N LEU B 138 1.23 -16.86 1.90
CA LEU B 138 2.24 -16.37 0.98
C LEU B 138 1.94 -14.95 0.52
N SER B 139 0.65 -14.58 0.43
CA SER B 139 0.29 -13.23 0.03
C SER B 139 0.73 -12.22 1.09
N TRP B 140 0.45 -12.50 2.37
CA TRP B 140 0.95 -11.65 3.45
C TRP B 140 2.48 -11.58 3.40
N TRP B 141 3.12 -12.74 3.35
CA TRP B 141 4.59 -12.80 3.33
C TRP B 141 5.17 -11.91 2.25
N VAL B 142 4.57 -11.92 1.06
CA VAL B 142 5.09 -11.13 -0.05
C VAL B 142 4.89 -9.65 0.21
N HIS B 143 3.72 -9.26 0.71
CA HIS B 143 3.47 -7.85 0.98
C HIS B 143 4.32 -7.32 2.12
N TRP B 144 4.77 -8.19 3.04
CA TRP B 144 5.73 -7.75 4.05
C TRP B 144 7.08 -7.44 3.43
N GLY B 145 7.36 -7.97 2.25
CA GLY B 145 8.65 -7.81 1.60
C GLY B 145 9.37 -9.11 1.29
N GLY B 146 8.79 -10.26 1.61
CA GLY B 146 9.47 -11.52 1.43
C GLY B 146 9.37 -12.07 0.01
N ASN B 147 10.12 -13.13 -0.22
CA ASN B 147 10.16 -13.82 -1.51
C ASN B 147 9.72 -15.28 -1.33
N LEU B 148 9.70 -16.01 -2.44
CA LEU B 148 9.25 -17.40 -2.47
C LEU B 148 10.41 -18.38 -2.62
N ARG B 149 11.61 -18.00 -2.19
CA ARG B 149 12.75 -18.88 -2.32
C ARG B 149 12.58 -20.09 -1.40
N PRO B 150 13.05 -21.27 -1.83
CA PRO B 150 12.71 -22.50 -1.08
C PRO B 150 13.33 -22.59 0.31
N GLU B 151 14.38 -21.81 0.61
CA GLU B 151 15.00 -21.91 1.91
C GLU B 151 14.13 -21.33 3.03
N HIS B 152 12.99 -20.72 2.71
CA HIS B 152 12.07 -20.19 3.72
C HIS B 152 10.78 -21.00 3.79
N TYR B 153 10.74 -22.16 3.12
CA TYR B 153 9.57 -23.02 3.09
C TYR B 153 8.87 -23.16 4.44
N TRP B 154 9.60 -23.59 5.45
CA TRP B 154 8.96 -23.90 6.74
C TRP B 154 8.57 -22.64 7.49
N LYS B 155 9.22 -21.50 7.23
CA LYS B 155 8.74 -20.26 7.81
C LYS B 155 7.38 -19.89 7.24
N GLN B 156 7.12 -20.22 5.98
CA GLN B 156 5.83 -19.94 5.37
C GLN B 156 4.77 -20.93 5.83
N ILE B 157 5.15 -22.20 6.07
CA ILE B 157 4.24 -23.13 6.72
C ILE B 157 3.84 -22.60 8.10
N TYR B 158 4.80 -22.08 8.85
CA TYR B 158 4.47 -21.46 10.14
C TYR B 158 3.36 -20.43 9.99
N ILE B 159 3.47 -19.55 8.99
CA ILE B 159 2.42 -18.56 8.77
C ILE B 159 1.09 -19.26 8.55
N GLY B 160 1.09 -20.37 7.81
CA GLY B 160 -0.14 -21.10 7.58
C GLY B 160 -0.74 -21.66 8.86
N PHE B 161 0.10 -22.21 9.73
CA PHE B 161 -0.39 -22.66 11.03
C PHE B 161 -1.00 -21.51 11.81
N ALA B 162 -0.41 -20.31 11.69
CA ALA B 162 -0.92 -19.15 12.41
C ALA B 162 -2.23 -18.64 11.84
N ALA B 163 -2.51 -18.92 10.56
CA ALA B 163 -3.70 -18.40 9.90
C ALA B 163 -4.90 -19.33 10.02
N ILE B 164 -4.68 -20.64 10.11
CA ILE B 164 -5.77 -21.60 9.97
C ILE B 164 -6.67 -21.68 11.20
N PRO B 165 -6.22 -21.42 12.43
CA PRO B 165 -7.14 -21.59 13.57
C PRO B 165 -8.31 -20.63 13.55
N ASP B 166 -8.21 -19.54 12.79
CA ASP B 166 -9.37 -18.66 12.64
C ASP B 166 -10.42 -19.29 11.73
N ASP B 167 -10.00 -20.19 10.82
CA ASP B 167 -10.91 -20.79 9.85
C ASP B 167 -11.28 -22.22 10.15
N VAL B 168 -10.54 -22.91 11.01
CA VAL B 168 -10.86 -24.28 11.43
C VAL B 168 -10.64 -24.37 12.94
N GLN B 169 -11.65 -24.89 13.64
CA GLN B 169 -11.57 -24.99 15.09
C GLN B 169 -10.60 -26.10 15.49
N ILE B 170 -9.55 -25.73 16.20
CA ILE B 170 -8.43 -26.62 16.50
C ILE B 170 -8.19 -26.64 18.00
N SER B 171 -8.23 -27.83 18.59
CA SER B 171 -7.92 -27.98 20.00
C SER B 171 -6.40 -27.87 20.22
N PRO B 172 -5.97 -27.23 21.32
CA PRO B 172 -4.52 -27.16 21.56
C PRO B 172 -3.84 -28.51 21.64
N ARG B 173 -4.50 -29.49 22.28
CA ARG B 173 -3.88 -30.81 22.43
C ARG B 173 -3.73 -31.50 21.07
N GLU B 174 -4.79 -31.47 20.26
CA GLU B 174 -4.70 -32.06 18.93
C GLU B 174 -3.65 -31.36 18.09
N PHE B 175 -3.41 -30.08 18.33
CA PHE B 175 -2.40 -29.35 17.59
C PHE B 175 -0.99 -29.82 17.97
N LEU B 176 -0.75 -30.04 19.26
CA LEU B 176 0.60 -30.37 19.72
C LEU B 176 0.98 -31.82 19.46
N ASP B 177 0.01 -32.73 19.38
CA ASP B 177 0.30 -34.15 19.30
C ASP B 177 0.24 -34.70 17.88
N GLY B 178 0.10 -33.85 16.89
CA GLY B 178 0.08 -34.27 15.50
C GLY B 178 -1.25 -34.79 15.00
N THR B 179 -2.29 -34.79 15.83
CA THR B 179 -3.60 -35.22 15.35
C THR B 179 -4.12 -34.23 14.31
N TYR B 180 -3.87 -32.94 14.50
CA TYR B 180 -4.18 -31.96 13.48
C TYR B 180 -2.98 -31.81 12.54
N ARG B 181 -3.25 -31.84 11.23
CA ARG B 181 -2.23 -31.68 10.21
C ARG B 181 -2.63 -30.54 9.29
N TYR B 182 -1.70 -29.61 9.06
CA TYR B 182 -1.89 -28.51 8.13
C TYR B 182 -1.31 -28.93 6.79
N LEU B 183 -2.18 -29.16 5.81
CA LEU B 183 -1.75 -29.64 4.49
C LEU B 183 -0.83 -30.85 4.63
N GLY B 184 -1.17 -31.73 5.57
CA GLY B 184 -0.42 -32.94 5.79
C GLY B 184 0.77 -32.81 6.73
N HIS B 185 1.08 -31.61 7.19
CA HIS B 185 2.21 -31.39 8.09
C HIS B 185 1.73 -31.39 9.53
N THR B 186 2.42 -32.14 10.39
CA THR B 186 2.23 -31.97 11.82
C THR B 186 2.95 -30.70 12.27
N TRP B 187 2.62 -30.26 13.48
CA TRP B 187 3.36 -29.12 14.04
C TRP B 187 4.82 -29.48 14.24
N ASP B 188 5.09 -30.70 14.71
CA ASP B 188 6.48 -31.15 14.89
C ASP B 188 7.24 -31.14 13.57
N ASP B 189 6.56 -31.42 12.45
CA ASP B 189 7.23 -31.31 11.15
C ASP B 189 7.74 -29.89 10.91
N CYS B 190 6.95 -28.89 11.29
CA CYS B 190 7.36 -27.50 11.09
C CYS B 190 8.56 -27.17 11.96
N LEU B 191 8.52 -27.53 13.24
CA LEU B 191 9.65 -27.28 14.14
C LEU B 191 10.92 -27.94 13.62
N SER B 192 10.83 -29.21 13.21
CA SER B 192 11.99 -29.89 12.65
C SER B 192 12.44 -29.21 11.36
N GLY B 193 11.49 -28.72 10.57
CA GLY B 193 11.83 -28.06 9.32
C GLY B 193 12.58 -26.76 9.53
N LEU B 194 12.19 -25.99 10.55
CA LEU B 194 12.89 -24.74 10.83
C LEU B 194 14.33 -25.00 11.25
N GLU B 195 14.55 -26.08 12.00
CA GLU B 195 15.92 -26.48 12.33
C GLU B 195 16.74 -26.71 11.07
N GLU B 196 16.20 -27.51 10.15
CA GLU B 196 16.91 -27.79 8.90
C GLU B 196 17.17 -26.52 8.11
N GLU B 197 16.30 -25.51 8.23
CA GLU B 197 16.49 -24.24 7.53
C GLU B 197 17.53 -23.35 8.19
N GLY B 198 18.11 -23.77 9.30
CA GLY B 198 19.16 -23.00 9.94
C GLY B 198 18.69 -22.01 10.99
N VAL B 199 17.40 -21.97 11.31
CA VAL B 199 16.93 -21.11 12.39
C VAL B 199 17.51 -21.62 13.70
N SER B 200 18.03 -20.70 14.52
CA SER B 200 18.71 -21.10 15.74
C SER B 200 17.73 -21.69 16.75
N PRO B 201 18.18 -22.59 17.61
CA PRO B 201 17.25 -23.22 18.56
C PRO B 201 16.50 -22.23 19.44
N ASP B 202 17.15 -21.13 19.85
CA ASP B 202 16.45 -20.14 20.66
C ASP B 202 15.37 -19.43 19.87
N GLU B 203 15.65 -19.09 18.61
CA GLU B 203 14.63 -18.48 17.76
C GLU B 203 13.45 -19.42 17.52
N ILE B 204 13.75 -20.72 17.35
CA ILE B 204 12.68 -21.68 17.11
C ILE B 204 11.79 -21.80 18.34
N GLU B 205 12.38 -21.86 19.53
CA GLU B 205 11.57 -21.99 20.73
C GLU B 205 10.72 -20.75 20.95
N PHE B 206 11.26 -19.56 20.63
CA PHE B 206 10.44 -18.35 20.72
C PHE B 206 9.23 -18.44 19.79
N ALA B 207 9.46 -18.77 18.53
CA ALA B 207 8.35 -18.92 17.59
C ALA B 207 7.39 -20.00 18.05
N ASN B 208 7.93 -21.08 18.62
CA ASN B 208 7.09 -22.18 19.12
C ASN B 208 6.21 -21.70 20.26
N MET B 209 6.80 -21.01 21.24
CA MET B 209 6.01 -20.54 22.37
C MET B 209 4.95 -19.53 21.93
N CYS B 210 5.26 -18.68 20.93
CA CYS B 210 4.26 -17.76 20.41
C CYS B 210 3.10 -18.53 19.79
N MET B 211 3.38 -19.63 19.09
CA MET B 211 2.31 -20.45 18.51
C MET B 211 1.49 -21.11 19.61
N TRP B 212 2.15 -21.66 20.64
CA TRP B 212 1.43 -22.20 21.79
C TRP B 212 0.48 -21.14 22.36
N ARG B 213 1.00 -19.94 22.59
CA ARG B 213 0.19 -18.87 23.17
C ARG B 213 -0.98 -18.52 22.26
N GLN B 214 -0.75 -18.50 20.94
CA GLN B 214 -1.84 -18.24 20.00
C GLN B 214 -2.92 -19.31 20.11
N MET B 215 -2.52 -20.58 20.06
CA MET B 215 -3.50 -21.66 20.09
C MET B 215 -4.29 -21.65 21.40
N LEU B 216 -3.63 -21.31 22.51
CA LEU B 216 -4.31 -21.27 23.80
C LEU B 216 -5.27 -20.09 23.88
N THR B 217 -4.80 -18.89 23.50
CA THR B 217 -5.65 -17.71 23.64
C THR B 217 -6.88 -17.81 22.74
N GLN B 218 -6.72 -18.36 21.54
N GLN B 218 -6.72 -18.34 21.53
CA GLN B 218 -7.87 -18.50 20.64
CA GLN B 218 -7.86 -18.52 20.64
C GLN B 218 -8.83 -19.57 21.13
C GLN B 218 -8.83 -19.55 21.18
N TRP B 219 -8.31 -20.64 21.75
CA TRP B 219 -9.17 -21.68 22.30
C TRP B 219 -9.95 -21.16 23.51
N LEU B 220 -9.29 -20.40 24.38
CA LEU B 220 -9.94 -19.91 25.59
C LEU B 220 -11.11 -19.00 25.25
N GLU B 221 -11.02 -18.25 24.15
CA GLU B 221 -12.10 -17.35 23.75
C GLU B 221 -13.39 -18.11 23.48
N LYS B 222 -13.29 -19.32 22.94
CA LYS B 222 -14.47 -20.12 22.62
C LYS B 222 -14.90 -21.01 23.78
N ALA B 223 -13.95 -21.55 24.54
CA ALA B 223 -14.29 -22.50 25.59
C ALA B 223 -14.86 -21.83 26.84
N ASP B 224 -14.41 -20.61 27.15
CA ASP B 224 -14.84 -19.89 28.34
C ASP B 224 -15.83 -18.80 27.95
N PRO B 225 -17.14 -18.99 28.16
CA PRO B 225 -18.11 -17.97 27.71
C PRO B 225 -18.00 -16.64 28.44
N GLU B 226 -17.29 -16.59 29.56
CA GLU B 226 -17.15 -15.35 30.31
C GLU B 226 -15.93 -14.52 29.89
N LEU B 227 -15.02 -15.09 29.09
CA LEU B 227 -13.78 -14.38 28.80
C LEU B 227 -14.01 -13.18 27.89
N LEU B 228 -14.81 -13.36 26.84
CA LEU B 228 -15.03 -12.24 25.92
C LEU B 228 -15.82 -11.11 26.60
N PRO B 229 -16.92 -11.38 27.31
CA PRO B 229 -17.59 -10.26 28.01
C PRO B 229 -16.65 -9.53 28.96
N LEU B 230 -15.77 -10.28 29.63
CA LEU B 230 -14.80 -9.67 30.53
C LEU B 230 -13.85 -8.74 29.80
N LEU B 231 -13.43 -9.14 28.59
CA LEU B 231 -12.51 -8.30 27.83
C LEU B 231 -13.21 -7.15 27.12
N LYS B 232 -14.51 -7.30 26.84
CA LYS B 232 -15.22 -6.30 26.05
C LYS B 232 -15.27 -4.96 26.78
N GLY B 233 -15.39 -4.97 28.10
CA GLY B 233 -15.36 -3.75 28.86
C GLY B 233 -13.97 -3.18 29.09
N LYS B 234 -12.93 -3.82 28.54
CA LYS B 234 -11.54 -3.39 28.73
C LYS B 234 -10.87 -3.38 27.36
N ILE B 235 -11.15 -2.33 26.58
CA ILE B 235 -10.78 -2.32 25.17
C ILE B 235 -9.26 -2.39 25.00
N SER B 236 -8.52 -1.61 25.79
CA SER B 236 -7.07 -1.62 25.66
C SER B 236 -6.51 -3.01 25.94
N LEU B 237 -7.10 -3.74 26.88
CA LEU B 237 -6.66 -5.12 27.11
C LEU B 237 -7.15 -6.05 26.00
N MET B 238 -8.34 -5.80 25.46
CA MET B 238 -8.81 -6.63 24.36
C MET B 238 -7.88 -6.51 23.15
N LEU B 239 -7.33 -5.30 22.92
CA LEU B 239 -6.35 -5.14 21.85
C LEU B 239 -5.13 -6.01 22.11
N GLN B 240 -4.57 -5.95 23.31
N GLN B 240 -4.57 -5.92 23.31
CA GLN B 240 -3.41 -6.76 23.62
CA GLN B 240 -3.43 -6.77 23.66
C GLN B 240 -3.74 -8.24 23.45
C GLN B 240 -3.76 -8.23 23.42
N TYR B 241 -4.95 -8.66 23.81
CA TYR B 241 -5.33 -10.06 23.64
C TYR B 241 -5.46 -10.42 22.17
N ARG B 242 -6.05 -9.53 21.37
CA ARG B 242 -6.18 -9.81 19.94
C ARG B 242 -4.83 -9.92 19.27
N VAL B 243 -3.84 -9.14 19.71
CA VAL B 243 -2.50 -9.26 19.15
C VAL B 243 -1.90 -10.63 19.41
N LEU B 244 -2.23 -11.23 20.57
CA LEU B 244 -1.70 -12.55 20.89
C LEU B 244 -2.42 -13.65 20.10
N THR B 245 -3.73 -13.50 19.86
CA THR B 245 -4.45 -14.46 19.04
C THR B 245 -4.09 -14.34 17.55
N ALA B 246 -3.59 -13.19 17.11
CA ALA B 246 -3.14 -13.05 15.73
C ALA B 246 -1.73 -13.60 15.55
N ASN B 247 -0.94 -13.63 16.63
CA ASN B 247 0.43 -14.13 16.58
C ASN B 247 1.27 -13.37 15.55
N THR B 248 1.07 -12.05 15.49
CA THR B 248 1.91 -11.23 14.63
C THR B 248 3.36 -11.24 15.08
N LEU B 249 3.61 -11.51 16.36
CA LEU B 249 4.98 -11.47 16.88
C LEU B 249 5.77 -12.70 16.46
N GLY B 250 5.16 -13.89 16.54
CA GLY B 250 5.87 -15.08 16.10
C GLY B 250 6.13 -15.08 14.61
N CYS B 251 5.14 -14.67 13.81
CA CYS B 251 5.35 -14.51 12.39
C CYS B 251 6.46 -13.49 12.10
N LEU B 252 6.47 -12.38 12.85
CA LEU B 252 7.47 -11.35 12.61
C LEU B 252 8.88 -11.88 12.88
N ALA B 253 9.06 -12.59 14.00
CA ALA B 253 10.38 -13.11 14.32
C ALA B 253 10.95 -13.93 13.16
N LEU B 254 10.13 -14.81 12.58
CA LEU B 254 10.62 -15.65 11.50
C LEU B 254 10.80 -14.88 10.20
N PHE B 255 9.95 -13.86 9.96
CA PHE B 255 10.15 -13.03 8.78
C PHE B 255 11.46 -12.26 8.88
N MET B 256 11.74 -11.67 10.05
CA MET B 256 13.01 -10.98 10.23
C MET B 256 14.19 -11.91 10.01
N ASN B 257 14.11 -13.15 10.50
CA ASN B 257 15.19 -14.10 10.27
C ASN B 257 15.43 -14.31 8.78
N ALA B 258 14.35 -14.40 8.00
CA ALA B 258 14.49 -14.64 6.57
C ALA B 258 15.00 -13.41 5.83
N THR B 259 14.69 -12.21 6.36
CA THR B 259 14.91 -10.98 5.61
C THR B 259 16.12 -10.19 6.07
N ALA B 260 16.60 -10.43 7.28
CA ALA B 260 17.71 -9.65 7.82
C ALA B 260 18.99 -9.92 7.03
N ASP B 261 19.91 -8.98 7.13
CA ASP B 261 21.24 -9.17 6.57
C ASP B 261 22.00 -10.16 7.43
N PRO B 262 22.66 -11.18 6.82
CA PRO B 262 23.41 -12.15 7.64
C PRO B 262 24.64 -11.59 8.34
N LYS B 263 24.72 -10.27 8.51
CA LYS B 263 25.75 -9.65 9.33
C LYS B 263 25.22 -9.19 10.68
N ASP B 264 23.97 -9.50 11.00
CA ASP B 264 23.38 -9.20 12.30
C ASP B 264 23.23 -10.43 13.19
N GLY B 265 23.65 -11.60 12.72
CA GLY B 265 23.46 -12.82 13.45
C GLY B 265 21.99 -13.15 13.58
N PRO B 266 21.66 -14.12 14.44
CA PRO B 266 20.25 -14.47 14.63
C PRO B 266 19.45 -13.29 15.16
N ILE B 267 18.18 -13.23 14.78
CA ILE B 267 17.25 -12.22 15.27
C ILE B 267 16.70 -12.72 16.59
N HIS B 268 17.25 -12.20 17.70
CA HIS B 268 16.85 -12.62 19.03
C HIS B 268 15.83 -11.66 19.60
N TYR B 269 14.72 -12.22 20.11
CA TYR B 269 13.65 -11.39 20.66
C TYR B 269 14.08 -10.71 21.95
N ALA B 270 14.89 -11.38 22.76
CA ALA B 270 15.45 -10.74 23.95
C ALA B 270 16.15 -9.43 23.59
N ASP B 271 16.74 -9.37 22.39
CA ASP B 271 17.47 -8.18 21.98
C ASP B 271 16.57 -7.09 21.41
N SER B 272 15.53 -7.48 20.68
CA SER B 272 14.73 -6.54 19.88
C SER B 272 13.26 -6.54 20.27
N SER B 273 12.95 -6.88 21.52
CA SER B 273 11.55 -7.06 21.91
C SER B 273 10.74 -5.78 21.73
N TYR B 274 11.35 -4.62 22.00
CA TYR B 274 10.60 -3.36 21.96
C TYR B 274 10.12 -3.06 20.55
N GLU B 275 11.03 -3.00 19.58
CA GLU B 275 10.62 -2.68 18.22
C GLU B 275 9.70 -3.77 17.67
N MET B 276 9.95 -5.03 18.03
CA MET B 276 9.12 -6.12 17.52
C MET B 276 7.69 -6.03 18.05
N GLU B 277 7.53 -5.76 19.35
CA GLU B 277 6.20 -5.59 19.90
C GLU B 277 5.49 -4.40 19.25
N ILE B 278 6.20 -3.30 19.04
CA ILE B 278 5.58 -2.13 18.40
C ILE B 278 5.06 -2.52 17.01
N ALA B 279 5.87 -3.25 16.25
CA ALA B 279 5.49 -3.60 14.88
C ALA B 279 4.32 -4.58 14.87
N SER B 280 4.31 -5.53 15.81
CA SER B 280 3.22 -6.50 15.85
C SER B 280 1.90 -5.83 16.21
N VAL B 281 1.93 -4.80 17.06
CA VAL B 281 0.71 -4.05 17.35
C VAL B 281 0.29 -3.23 16.13
N ALA B 282 1.25 -2.56 15.48
CA ALA B 282 0.92 -1.77 14.30
C ALA B 282 0.20 -2.60 13.26
N GLN B 283 0.70 -3.82 12.99
CA GLN B 283 0.09 -4.63 11.93
C GLN B 283 -1.35 -4.99 12.29
N CYS B 284 -1.61 -5.36 13.54
N CYS B 284 -1.60 -5.35 13.55
CA CYS B 284 -2.97 -5.69 13.95
CA CYS B 284 -2.96 -5.69 13.97
C CYS B 284 -3.88 -4.47 13.84
C CYS B 284 -3.88 -4.49 13.88
N VAL B 285 -3.40 -3.31 14.28
CA VAL B 285 -4.22 -2.11 14.21
C VAL B 285 -4.48 -1.73 12.75
N THR B 286 -3.45 -1.78 11.91
CA THR B 286 -3.65 -1.47 10.49
C THR B 286 -4.67 -2.41 9.86
N LEU B 287 -4.59 -3.70 10.18
CA LEU B 287 -5.51 -4.67 9.61
C LEU B 287 -6.95 -4.33 9.94
N ASP B 288 -7.24 -4.09 11.23
CA ASP B 288 -8.59 -3.73 11.62
C ASP B 288 -8.97 -2.37 11.07
N MET B 289 -8.04 -1.42 11.09
CA MET B 289 -8.32 -0.08 10.55
C MET B 289 -8.64 -0.14 9.07
N ALA B 290 -7.95 -1.02 8.32
CA ALA B 290 -8.16 -1.13 6.89
C ALA B 290 -9.39 -1.96 6.55
N LYS B 291 -9.69 -2.98 7.34
CA LYS B 291 -10.88 -3.80 7.08
C LYS B 291 -12.15 -2.99 7.29
N GLU B 292 -12.22 -2.23 8.38
N GLU B 292 -12.22 -2.23 8.38
CA GLU B 292 -13.40 -1.40 8.62
CA GLU B 292 -13.38 -1.39 8.63
C GLU B 292 -13.56 -0.34 7.53
C GLU B 292 -13.55 -0.33 7.55
N ALA B 293 -12.45 0.32 7.16
CA ALA B 293 -12.53 1.45 6.24
C ALA B 293 -12.96 1.00 4.84
N MET B 294 -12.20 0.09 4.24
CA MET B 294 -12.44 -0.30 2.86
C MET B 294 -13.65 -1.21 2.69
N GLY B 295 -14.36 -1.54 3.78
CA GLY B 295 -15.54 -2.38 3.67
C GLY B 295 -15.23 -3.84 3.97
N ILE B 296 -15.77 -4.34 5.07
CA ILE B 296 -15.55 -5.71 5.48
C ILE B 296 -16.35 -6.65 4.57
N ALA B 306 -16.26 -3.32 20.94
CA ALA B 306 -16.45 -2.10 20.15
C ALA B 306 -17.76 -1.41 20.54
N GLY B 307 -17.74 -0.68 21.66
CA GLY B 307 -18.94 -0.01 22.12
C GLY B 307 -19.42 1.07 21.17
N ASP B 308 -18.50 1.87 20.65
CA ASP B 308 -18.81 2.93 19.69
C ASP B 308 -17.87 2.75 18.50
N ARG B 309 -18.38 2.16 17.41
CA ARG B 309 -17.56 1.88 16.25
C ARG B 309 -16.84 3.12 15.76
N ALA B 310 -17.57 4.23 15.64
CA ALA B 310 -16.96 5.46 15.14
C ALA B 310 -15.83 5.93 16.05
N GLN B 311 -16.03 5.83 17.37
CA GLN B 311 -14.97 6.25 18.30
C GLN B 311 -13.77 5.32 18.21
N ARG B 312 -14.01 4.01 18.19
CA ARG B 312 -12.89 3.07 18.12
C ARG B 312 -12.06 3.29 16.86
N LYS B 313 -12.71 3.66 15.76
CA LYS B 313 -11.96 3.97 14.54
C LYS B 313 -11.01 5.15 14.77
N ARG B 314 -11.46 6.16 15.51
CA ARG B 314 -10.58 7.27 15.84
C ARG B 314 -9.42 6.83 16.71
N GLU B 315 -9.67 5.87 17.61
CA GLU B 315 -8.61 5.39 18.49
C GLU B 315 -7.64 4.48 17.74
N LEU B 316 -8.13 3.72 16.76
CA LEU B 316 -7.22 2.90 15.96
C LEU B 316 -6.26 3.76 15.15
N ARG B 317 -6.78 4.83 14.53
CA ARG B 317 -5.88 5.75 13.82
C ARG B 317 -4.93 6.43 14.79
N TRP B 318 -5.40 6.75 16.00
CA TRP B 318 -4.53 7.32 17.03
C TRP B 318 -3.36 6.40 17.33
N ILE B 319 -3.65 5.12 17.56
CA ILE B 319 -2.59 4.16 17.87
C ILE B 319 -1.69 3.96 16.67
N TYR B 320 -2.27 3.89 15.47
CA TYR B 320 -1.50 3.58 14.26
C TYR B 320 -0.40 4.61 14.03
N VAL B 321 -0.73 5.90 14.10
CA VAL B 321 0.27 6.91 13.76
C VAL B 321 1.36 6.96 14.83
N ARG B 322 1.02 6.65 16.08
CA ARG B 322 2.03 6.70 17.13
C ARG B 322 2.97 5.51 17.05
N CYS B 323 2.45 4.32 16.78
CA CYS B 323 3.31 3.15 16.57
C CYS B 323 4.24 3.39 15.39
N MET B 324 3.70 3.86 14.27
CA MET B 324 4.54 4.05 13.08
C MET B 324 5.63 5.07 13.32
N GLN B 325 5.33 6.14 14.06
CA GLN B 325 6.35 7.15 14.32
C GLN B 325 7.49 6.56 15.15
N ILE B 326 7.16 5.75 16.16
CA ILE B 326 8.19 5.08 16.94
C ILE B 326 9.06 4.21 16.04
N LEU B 327 8.44 3.50 15.10
CA LEU B 327 9.20 2.61 14.22
C LEU B 327 10.21 3.36 13.36
N GLU B 328 9.99 4.66 13.11
CA GLU B 328 10.93 5.42 12.28
C GLU B 328 12.36 5.31 12.79
N SER B 329 12.55 5.33 14.11
CA SER B 329 13.88 5.41 14.69
C SER B 329 14.39 4.08 15.21
N GLN B 330 13.71 2.97 14.89
CA GLN B 330 14.14 1.69 15.45
C GLN B 330 15.23 1.06 14.58
N PRO B 331 16.10 0.25 15.19
CA PRO B 331 17.24 -0.29 14.44
C PRO B 331 16.87 -1.11 13.21
N HIS B 332 15.71 -1.77 13.22
CA HIS B 332 15.27 -2.56 12.09
C HIS B 332 14.07 -1.90 11.37
N ALA B 333 14.04 -0.57 11.37
CA ALA B 333 13.00 0.14 10.64
C ALA B 333 12.90 -0.34 9.19
N HIS B 334 14.04 -0.73 8.60
CA HIS B 334 14.05 -1.13 7.19
C HIS B 334 13.25 -2.40 6.94
N MET B 335 12.83 -3.11 7.99
CA MET B 335 11.89 -4.21 7.87
C MET B 335 10.56 -3.92 8.56
N LEU B 336 10.57 -3.24 9.71
CA LEU B 336 9.38 -3.20 10.56
C LEU B 336 8.39 -2.13 10.15
N ARG B 337 8.85 -1.05 9.53
CA ARG B 337 7.91 -0.04 9.02
C ARG B 337 6.96 -0.65 8.00
N ARG B 338 7.52 -1.41 7.04
CA ARG B 338 6.68 -2.06 6.05
C ARG B 338 5.79 -3.12 6.69
N TYR B 339 6.34 -3.91 7.61
CA TYR B 339 5.52 -4.89 8.32
C TYR B 339 4.33 -4.22 9.00
N GLY B 340 4.57 -3.08 9.65
CA GLY B 340 3.52 -2.45 10.43
C GLY B 340 2.39 -1.89 9.59
N SER B 341 2.69 -1.43 8.38
CA SER B 341 1.72 -0.76 7.53
C SER B 341 1.30 -1.60 6.33
N ALA B 342 1.74 -2.85 6.24
CA ALA B 342 1.52 -3.61 5.01
C ALA B 342 0.05 -3.78 4.70
N GLY B 343 -0.80 -3.80 5.73
CA GLY B 343 -2.23 -4.00 5.49
C GLY B 343 -2.83 -2.95 4.58
N LEU B 344 -2.24 -1.77 4.52
CA LEU B 344 -2.79 -0.72 3.67
C LEU B 344 -2.74 -1.11 2.20
N HIS B 345 -1.85 -2.02 1.80
CA HIS B 345 -1.83 -2.47 0.42
C HIS B 345 -2.15 -3.95 0.22
N TYR B 346 -2.10 -4.78 1.26
CA TYR B 346 -2.47 -6.18 1.03
C TYR B 346 -3.97 -6.42 1.23
N VAL B 347 -4.64 -5.64 2.08
CA VAL B 347 -6.09 -5.79 2.24
C VAL B 347 -6.82 -5.55 0.94
N PRO B 348 -6.52 -4.49 0.17
CA PRO B 348 -7.25 -4.28 -1.09
C PRO B 348 -6.83 -5.19 -2.23
N MET B 349 -5.73 -5.94 -2.10
CA MET B 349 -5.23 -6.79 -3.18
C MET B 349 -5.47 -8.27 -2.96
N MET B 350 -5.57 -8.73 -1.71
CA MET B 350 -5.59 -10.16 -1.43
C MET B 350 -6.97 -10.77 -1.63
N ASP B 351 -7.00 -11.94 -2.26
CA ASP B 351 -8.26 -12.65 -2.48
C ASP B 351 -9.01 -12.85 -1.18
N ARG B 352 -8.29 -13.07 -0.07
CA ARG B 352 -8.93 -13.35 1.20
C ARG B 352 -10.00 -12.31 1.54
N TYR B 353 -9.69 -11.03 1.33
CA TYR B 353 -10.61 -9.95 1.67
C TYR B 353 -11.56 -9.62 0.52
N LEU B 354 -11.08 -9.69 -0.72
CA LEU B 354 -11.97 -9.46 -1.85
C LEU B 354 -13.04 -10.54 -1.94
N GLU B 355 -12.71 -11.77 -1.54
CA GLU B 355 -13.72 -12.83 -1.48
C GLU B 355 -14.84 -12.48 -0.52
N ARG B 356 -14.50 -11.85 0.61
CA ARG B 356 -15.50 -11.55 1.63
C ARG B 356 -16.51 -10.52 1.13
N VAL B 357 -16.02 -9.42 0.56
CA VAL B 357 -16.92 -8.39 0.07
C VAL B 357 -17.72 -8.88 -1.13
N SER B 358 -17.17 -9.81 -1.91
CA SER B 358 -17.82 -10.30 -3.12
C SER B 358 -18.77 -11.46 -2.81
N GLY B 359 -19.62 -11.28 -1.81
CA GLY B 359 -20.63 -12.28 -1.50
C GLY B 359 -20.14 -13.46 -0.70
N HIS B 360 -19.04 -13.32 0.02
CA HIS B 360 -18.49 -14.39 0.87
C HIS B 360 -18.38 -15.70 0.08
N THR B 361 -17.73 -15.61 -1.07
CA THR B 361 -17.49 -16.75 -1.94
C THR B 361 -16.01 -17.12 -1.90
N ARG B 362 -15.59 -17.95 -2.86
CA ARG B 362 -14.18 -18.33 -3.01
C ARG B 362 -13.76 -18.08 -4.45
N PHE B 363 -12.65 -17.38 -4.62
CA PHE B 363 -12.07 -17.23 -5.95
C PHE B 363 -11.32 -18.50 -6.33
N PRO B 364 -11.53 -19.04 -7.54
CA PRO B 364 -10.77 -20.23 -7.94
C PRO B 364 -9.26 -19.99 -7.86
N ILE B 365 -8.53 -21.06 -7.60
CA ILE B 365 -7.08 -21.02 -7.60
C ILE B 365 -6.60 -21.38 -9.01
N ARG B 366 -6.16 -20.38 -9.76
CA ARG B 366 -5.75 -20.60 -11.13
C ARG B 366 -4.50 -21.47 -11.18
N ASP B 367 -4.23 -22.02 -12.36
CA ASP B 367 -3.09 -22.92 -12.52
C ASP B 367 -1.78 -22.29 -12.05
N GLY B 368 -1.60 -21.00 -12.32
CA GLY B 368 -0.37 -20.33 -11.92
C GLY B 368 -0.17 -20.32 -10.41
N ALA B 369 -1.24 -20.00 -9.67
CA ALA B 369 -1.13 -20.02 -8.22
C ALA B 369 -1.04 -21.44 -7.68
N ALA B 370 -1.73 -22.39 -8.33
CA ALA B 370 -1.68 -23.77 -7.88
C ALA B 370 -0.26 -24.33 -7.94
N ARG B 371 0.49 -23.95 -8.98
CA ARG B 371 1.86 -24.44 -9.10
C ARG B 371 2.76 -23.87 -8.02
N ILE B 372 2.46 -22.65 -7.55
CA ILE B 372 3.20 -22.09 -6.42
C ILE B 372 2.91 -22.90 -5.16
N LEU B 373 1.64 -23.23 -4.92
CA LEU B 373 1.22 -23.86 -3.68
C LEU B 373 1.52 -25.36 -3.62
N GLU B 374 1.90 -25.98 -4.75
CA GLU B 374 1.95 -27.43 -4.80
C GLU B 374 2.96 -27.99 -3.79
N ARG B 375 4.17 -27.43 -3.74
CA ARG B 375 5.21 -27.99 -2.90
C ARG B 375 4.89 -27.87 -1.41
N PHE B 376 3.95 -27.01 -1.05
CA PHE B 376 3.59 -26.82 0.35
C PHE B 376 2.66 -27.90 0.87
N ILE B 377 2.23 -28.83 0.03
CA ILE B 377 1.31 -29.89 0.42
C ILE B 377 2.10 -31.18 0.60
N ASN B 378 1.93 -31.82 1.75
CA ASN B 378 2.45 -33.16 1.98
C ASN B 378 1.34 -34.13 1.63
N ARG B 379 1.25 -34.48 0.34
CA ARG B 379 0.14 -35.30 -0.14
C ARG B 379 0.13 -36.67 0.50
N ALA B 380 1.29 -37.19 0.91
CA ALA B 380 1.34 -38.52 1.48
C ALA B 380 0.57 -38.64 2.79
N GLU B 381 0.32 -37.53 3.48
CA GLU B 381 -0.32 -37.55 4.79
C GLU B 381 -1.70 -36.89 4.76
N LEU B 382 -2.33 -36.77 3.57
CA LEU B 382 -3.68 -36.22 3.48
C LEU B 382 -4.71 -37.33 3.60
N PRO B 383 -5.89 -37.04 4.17
CA PRO B 383 -6.98 -38.02 4.14
C PRO B 383 -7.48 -38.25 2.73
N LYS B 384 -8.33 -39.28 2.59
CA LYS B 384 -8.81 -39.70 1.27
C LYS B 384 -9.61 -38.59 0.61
N GLU B 385 -10.57 -38.00 1.33
CA GLU B 385 -11.43 -36.98 0.74
C GLU B 385 -10.63 -35.76 0.28
N SER B 386 -9.39 -35.60 0.74
CA SER B 386 -8.56 -34.46 0.38
C SER B 386 -7.38 -34.86 -0.49
N GLU B 387 -7.32 -36.11 -0.94
CA GLU B 387 -6.17 -36.60 -1.70
C GLU B 387 -5.91 -35.76 -2.94
N ASP B 388 -6.94 -35.11 -3.48
CA ASP B 388 -6.85 -34.46 -4.78
C ASP B 388 -7.09 -32.96 -4.72
N ILE B 389 -6.83 -32.34 -3.56
CA ILE B 389 -6.88 -30.87 -3.54
C ILE B 389 -5.76 -30.30 -4.40
N ASN B 390 -5.91 -29.03 -4.76
CA ASN B 390 -4.96 -28.34 -5.63
C ASN B 390 -4.64 -29.17 -6.88
N PRO B 391 -5.66 -29.71 -7.56
CA PRO B 391 -5.39 -30.65 -8.65
C PRO B 391 -4.60 -30.04 -9.81
N ASN B 392 -4.73 -28.74 -10.05
CA ASN B 392 -4.09 -28.09 -11.19
C ASN B 392 -2.70 -27.56 -10.86
N GLY B 393 -2.10 -28.00 -9.75
CA GLY B 393 -0.78 -27.60 -9.37
C GLY B 393 0.31 -28.61 -9.66
N ARG B 394 -0.02 -29.73 -10.29
CA ARG B 394 0.97 -30.77 -10.57
C ARG B 394 1.56 -30.62 -11.96
ZN ZN C . 9.70 -0.16 -27.30
MG MG D . -14.86 17.21 -25.62
ZN ZN E . -3.27 1.05 28.59
#